data_3EPX
#
_entry.id   3EPX
#
_cell.length_a   54.422
_cell.length_b   74.198
_cell.length_c   73.553
_cell.angle_alpha   90.00
_cell.angle_beta   98.36
_cell.angle_gamma   90.00
#
_symmetry.space_group_name_H-M   'P 1 21 1'
#
loop_
_entity.id
_entity.type
_entity.pdbx_description
1 polymer 'IAG-nucleoside hydrolase'
2 non-polymer 'CALCIUM ION'
3 non-polymer (2R,3R,4S)-2-(hydroxymethyl)-1-(quinolin-8-ylmethyl)pyrrolidine-3,4-diol
4 non-polymer GLYCEROL
5 water water
#
_entity_poly.entity_id   1
_entity_poly.type   'polypeptide(L)'
_entity_poly.pdbx_seq_one_letter_code
;MRGSHHHHHHGSAKNVVLDHDGNLDDFVAMVLLASNTEKVRLIGALCTDADCFVENGFNVTGKIMCLMHNNMNLPLFPIG
KSAATAVNPFPKEWRCLAKNMDDMPILNIPENVELWDKIKAENEKYEGQQLLADLVMNSEEKVTICVTGPLSNVAWCIDK
YGEKFTSKVEECVIMGGAVDVRGNVFLPSTDGTAEWNIYWDPASAKTVFGCPGLRRIMFSLDSTNTVPVRSPYVQRFGEQ
TNFLLSILVGTMWAMCTHCELLRDGDGYYAWDALTAAYVVDQKVANVDPVPIDVVVDKQPNEGATVRTDAENYPLTFVAR
NPEAEFFLDMLLRSARAC
;
_entity_poly.pdbx_strand_id   A,B
#
loop_
_chem_comp.id
_chem_comp.type
_chem_comp.name
_chem_comp.formula
CA non-polymer 'CALCIUM ION' 'Ca 2'
GOL non-polymer GLYCEROL 'C3 H8 O3'
IMQ non-polymer (2R,3R,4S)-2-(hydroxymethyl)-1-(quinolin-8-ylmethyl)pyrrolidine-3,4-diol 'C15 H18 N2 O3'
#
# COMPACT_ATOMS: atom_id res chain seq x y z
N ALA A 13 7.82 -34.02 5.42
CA ALA A 13 8.08 -32.57 5.65
C ALA A 13 9.20 -32.36 6.67
N LYS A 14 9.96 -31.29 6.48
CA LYS A 14 11.08 -30.96 7.36
C LYS A 14 10.71 -29.75 8.21
N ASN A 15 11.25 -29.70 9.43
CA ASN A 15 11.01 -28.58 10.37
C ASN A 15 11.65 -27.29 9.89
N VAL A 16 10.88 -26.21 9.90
CA VAL A 16 11.39 -24.89 9.48
C VAL A 16 10.93 -23.82 10.47
N VAL A 17 11.84 -22.90 10.81
CA VAL A 17 11.46 -21.68 11.52
C VAL A 17 11.74 -20.50 10.59
N LEU A 18 10.76 -19.59 10.49
CA LEU A 18 10.94 -18.33 9.76
C LEU A 18 11.35 -17.23 10.71
N ASP A 19 12.51 -16.64 10.43
CA ASP A 19 13.11 -15.54 11.19
C ASP A 19 13.07 -14.33 10.26
N HIS A 20 12.05 -13.48 10.43
CA HIS A 20 11.73 -12.48 9.41
C HIS A 20 11.65 -11.08 10.01
N ASP A 21 11.59 -10.06 9.15
CA ASP A 21 11.42 -8.68 9.64
C ASP A 21 10.24 -7.91 9.02
N GLY A 22 9.20 -8.65 8.61
CA GLY A 22 7.87 -8.08 8.45
C GLY A 22 7.65 -7.11 7.29
N ASN A 23 8.49 -7.17 6.26
CA ASN A 23 8.14 -6.47 5.04
C ASN A 23 7.27 -7.33 4.14
N LEU A 24 6.82 -6.80 3.01
CA LEU A 24 5.83 -7.52 2.20
C LEU A 24 6.34 -8.88 1.71
N ASP A 25 7.58 -8.94 1.23
CA ASP A 25 8.12 -10.22 0.76
C ASP A 25 8.36 -11.21 1.90
N ASP A 26 8.68 -10.71 3.11
CA ASP A 26 8.74 -11.59 4.28
C ASP A 26 7.45 -12.36 4.44
N PHE A 27 6.33 -11.68 4.20
CA PHE A 27 5.02 -12.33 4.33
C PHE A 27 4.69 -13.23 3.16
N VAL A 28 5.14 -12.87 1.96
CA VAL A 28 5.02 -13.80 0.84
C VAL A 28 5.83 -15.07 1.15
N ALA A 29 7.03 -14.89 1.72
CA ALA A 29 7.88 -16.00 2.16
C ALA A 29 7.13 -16.90 3.15
N MET A 30 6.49 -16.28 4.12
CA MET A 30 5.72 -17.04 5.10
C MET A 30 4.62 -17.87 4.42
N VAL A 31 3.93 -17.28 3.45
CA VAL A 31 2.85 -17.98 2.75
C VAL A 31 3.41 -19.20 1.98
N LEU A 32 4.54 -19.00 1.29
CA LEU A 32 5.21 -20.10 0.58
C LEU A 32 5.59 -21.28 1.50
N LEU A 33 6.23 -20.96 2.63
CA LEU A 33 6.63 -21.99 3.60
C LEU A 33 5.40 -22.71 4.18
N ALA A 34 4.45 -21.92 4.66
CA ALA A 34 3.25 -22.45 5.31
C ALA A 34 2.38 -23.27 4.37
N SER A 35 2.27 -22.86 3.11
CA SER A 35 1.36 -23.52 2.18
C SER A 35 1.89 -24.86 1.66
N ASN A 36 3.21 -25.04 1.69
CA ASN A 36 3.82 -26.22 1.11
C ASN A 36 4.05 -27.30 2.15
N THR A 37 2.94 -27.79 2.71
CA THR A 37 2.95 -28.70 3.84
C THR A 37 3.51 -30.09 3.55
N GLU A 38 3.56 -30.47 2.27
CA GLU A 38 4.25 -31.71 1.87
C GLU A 38 5.77 -31.62 2.12
N LYS A 39 6.32 -30.41 1.96
CA LYS A 39 7.78 -30.18 2.08
C LYS A 39 8.21 -29.56 3.41
N VAL A 40 7.35 -28.72 3.98
CA VAL A 40 7.72 -27.85 5.08
C VAL A 40 6.72 -27.95 6.24
N ARG A 41 7.24 -28.23 7.44
CA ARG A 41 6.46 -28.14 8.66
C ARG A 41 6.96 -26.91 9.40
N LEU A 42 6.14 -25.85 9.40
CA LEU A 42 6.51 -24.57 9.99
C LEU A 42 6.29 -24.63 11.49
N ILE A 43 7.36 -24.70 12.25
CA ILE A 43 7.26 -24.97 13.69
C ILE A 43 7.37 -23.70 14.54
N GLY A 44 7.57 -22.56 13.87
CA GLY A 44 7.67 -21.30 14.58
C GLY A 44 8.08 -20.15 13.70
N ALA A 45 7.91 -18.94 14.24
CA ALA A 45 8.29 -17.73 13.54
C ALA A 45 8.75 -16.69 14.54
N LEU A 46 9.68 -15.84 14.10
CA LEU A 46 10.21 -14.76 14.89
C LEU A 46 10.06 -13.50 14.05
N CYS A 47 9.75 -12.36 14.68
CA CYS A 47 9.70 -11.09 13.96
C CYS A 47 10.65 -10.09 14.62
N THR A 48 11.41 -9.36 13.78
CA THR A 48 12.43 -8.43 14.24
C THR A 48 12.07 -7.01 13.79
N ASP A 49 12.33 -6.05 14.67
CA ASP A 49 11.95 -4.65 14.51
C ASP A 49 12.89 -3.95 13.52
N ALA A 50 13.11 -4.57 12.36
CA ALA A 50 14.03 -4.04 11.35
C ALA A 50 13.27 -3.37 10.20
N ASP A 51 12.92 -4.10 9.14
CA ASP A 51 12.15 -3.55 8.02
C ASP A 51 10.63 -3.55 8.31
N CYS A 52 10.29 -3.44 9.59
CA CYS A 52 8.92 -3.19 10.06
C CYS A 52 8.94 -2.55 11.44
N PHE A 53 7.75 -2.17 11.94
CA PHE A 53 7.52 -1.98 13.37
C PHE A 53 7.06 -3.34 13.86
N VAL A 54 7.83 -3.89 14.79
CA VAL A 54 7.71 -5.27 15.22
C VAL A 54 6.30 -5.66 15.68
N GLU A 55 5.58 -4.75 16.34
CA GLU A 55 4.20 -5.04 16.75
C GLU A 55 3.29 -5.30 15.56
N ASN A 56 3.45 -4.50 14.50
CA ASN A 56 2.70 -4.72 13.28
C ASN A 56 3.09 -6.04 12.63
N GLY A 57 4.40 -6.30 12.53
CA GLY A 57 4.89 -7.52 11.89
C GLY A 57 4.41 -8.76 12.63
N PHE A 58 4.40 -8.65 13.95
CA PHE A 58 3.90 -9.67 14.87
C PHE A 58 2.43 -10.01 14.60
N ASN A 59 1.59 -8.97 14.58
CA ASN A 59 0.16 -9.13 14.30
C ASN A 59 -0.13 -9.70 12.92
N VAL A 60 0.57 -9.24 11.89
CA VAL A 60 0.39 -9.79 10.56
C VAL A 60 0.78 -11.27 10.52
N THR A 61 1.89 -11.63 11.15
CA THR A 61 2.28 -13.04 11.23
C THR A 61 1.14 -13.86 11.84
N GLY A 62 0.62 -13.41 12.98
CA GLY A 62 -0.47 -14.13 13.64
C GLY A 62 -1.73 -14.20 12.79
N LYS A 63 -2.07 -13.09 12.14
CA LYS A 63 -3.27 -13.03 11.34
C LYS A 63 -3.20 -13.95 10.12
N ILE A 64 -2.02 -14.03 9.49
CA ILE A 64 -1.81 -14.97 8.38
C ILE A 64 -1.90 -16.42 8.88
N MET A 65 -1.19 -16.72 9.97
CA MET A 65 -1.21 -18.07 10.55
C MET A 65 -2.63 -18.51 10.86
N CYS A 66 -3.41 -17.61 11.45
CA CYS A 66 -4.78 -17.95 11.85
C CYS A 66 -5.72 -18.15 10.67
N LEU A 67 -5.63 -17.28 9.66
CA LEU A 67 -6.36 -17.50 8.41
C LEU A 67 -6.03 -18.87 7.83
N MET A 68 -4.75 -19.23 7.79
CA MET A 68 -4.33 -20.50 7.18
C MET A 68 -4.73 -21.70 8.05
N HIS A 69 -4.78 -21.49 9.36
CA HIS A 69 -5.22 -22.57 10.26
C HIS A 69 -6.69 -22.88 9.98
N ASN A 70 -7.51 -21.83 9.90
CA ASN A 70 -8.95 -22.00 9.69
C ASN A 70 -9.34 -22.48 8.29
N ASN A 71 -8.48 -22.24 7.30
CA ASN A 71 -8.83 -22.52 5.90
C ASN A 71 -8.04 -23.65 5.23
N MET A 72 -6.90 -23.99 5.82
CA MET A 72 -6.14 -25.13 5.29
C MET A 72 -5.60 -26.05 6.37
N ASN A 73 -6.12 -25.89 7.59
CA ASN A 73 -5.73 -26.73 8.72
C ASN A 73 -4.22 -26.64 9.07
N LEU A 74 -3.58 -25.52 8.74
CA LEU A 74 -2.18 -25.32 9.13
C LEU A 74 -2.06 -25.36 10.65
N PRO A 75 -1.22 -26.26 11.19
CA PRO A 75 -1.03 -26.26 12.64
C PRO A 75 -0.51 -24.93 13.16
N LEU A 76 -1.08 -24.48 14.28
CA LEU A 76 -0.59 -23.30 14.95
C LEU A 76 0.82 -23.52 15.47
N PHE A 77 1.57 -22.43 15.57
CA PHE A 77 2.96 -22.47 16.01
C PHE A 77 3.28 -21.21 16.80
N PRO A 78 4.33 -21.26 17.64
CA PRO A 78 4.68 -20.06 18.39
C PRO A 78 5.25 -18.96 17.49
N ILE A 79 4.87 -17.72 17.80
CA ILE A 79 5.40 -16.53 17.12
C ILE A 79 5.97 -15.61 18.19
N GLY A 80 7.27 -15.31 18.09
CA GLY A 80 7.92 -14.46 19.09
C GLY A 80 8.45 -13.18 18.49
N LYS A 81 8.44 -12.10 19.27
CA LYS A 81 9.06 -10.85 18.87
C LYS A 81 10.49 -10.78 19.41
N SER A 82 11.42 -10.46 18.52
CA SER A 82 12.82 -10.32 18.92
C SER A 82 13.09 -8.95 19.58
N ALA A 83 13.93 -8.99 20.62
CA ALA A 83 14.41 -7.79 21.31
C ALA A 83 15.63 -7.16 20.61
N ALA A 84 16.05 -7.74 19.49
CA ALA A 84 17.20 -7.20 18.75
C ALA A 84 16.98 -5.73 18.42
N THR A 85 18.03 -4.93 18.57
CA THR A 85 18.02 -3.53 18.16
C THR A 85 18.96 -3.28 16.99
N ALA A 86 18.66 -2.26 16.20
CA ALA A 86 19.40 -1.93 15.00
C ALA A 86 20.79 -1.41 15.29
N VAL A 87 21.76 -1.77 14.46
CA VAL A 87 23.01 -1.00 14.39
C VAL A 87 22.70 0.21 13.48
N ASN A 88 22.16 -0.10 12.29
CA ASN A 88 21.76 0.90 11.30
C ASN A 88 20.30 0.67 10.87
N PRO A 89 19.36 1.49 11.37
CA PRO A 89 17.92 1.22 11.17
C PRO A 89 17.49 1.39 9.73
N PHE A 90 16.40 0.69 9.36
CA PHE A 90 15.80 0.86 8.03
C PHE A 90 15.10 2.23 7.88
N PRO A 91 14.94 2.70 6.63
CA PRO A 91 14.14 3.91 6.40
C PRO A 91 12.69 3.71 6.90
N LYS A 92 12.14 4.71 7.58
CA LYS A 92 10.82 4.59 8.21
C LYS A 92 9.67 4.33 7.24
N GLU A 93 9.72 4.91 6.04
CA GLU A 93 8.73 4.64 5.00
C GLU A 93 8.60 3.14 4.69
N TRP A 94 9.74 2.47 4.54
CA TRP A 94 9.75 1.04 4.23
C TRP A 94 9.20 0.20 5.39
N ARG A 95 9.45 0.65 6.62
CA ARG A 95 9.00 -0.07 7.83
C ARG A 95 7.49 -0.01 8.05
N CYS A 96 6.81 0.86 7.33
CA CYS A 96 5.36 1.05 7.55
C CYS A 96 4.46 0.08 6.80
N LEU A 97 5.05 -0.78 5.96
CA LEU A 97 4.27 -1.64 5.09
C LEU A 97 3.46 -2.71 5.87
N ALA A 98 4.00 -3.21 6.98
CA ALA A 98 3.28 -4.18 7.81
C ALA A 98 2.05 -3.57 8.47
N LYS A 99 2.10 -2.28 8.78
CA LYS A 99 0.90 -1.58 9.29
C LYS A 99 -0.26 -1.70 8.31
N ASN A 100 0.03 -1.48 7.02
CA ASN A 100 -0.96 -1.59 5.96
C ASN A 100 -1.57 -2.99 5.94
N MET A 101 -0.71 -4.01 6.01
CA MET A 101 -1.19 -5.39 5.99
C MET A 101 -2.06 -5.70 7.21
N ASP A 102 -1.69 -5.16 8.36
CA ASP A 102 -2.45 -5.41 9.61
C ASP A 102 -3.89 -4.97 9.50
N ASP A 103 -4.14 -4.02 8.61
CA ASP A 103 -5.47 -3.44 8.43
C ASP A 103 -6.21 -3.93 7.18
N MET A 104 -5.59 -4.83 6.42
CA MET A 104 -6.19 -5.38 5.20
C MET A 104 -7.44 -6.22 5.49
N PRO A 105 -8.52 -6.03 4.69
CA PRO A 105 -9.73 -6.84 4.90
C PRO A 105 -9.47 -8.33 4.94
N ILE A 106 -8.63 -8.82 4.02
CA ILE A 106 -8.32 -10.24 3.93
C ILE A 106 -7.73 -10.79 5.22
N LEU A 107 -7.04 -9.96 6.00
CA LEU A 107 -6.44 -10.40 7.27
C LEU A 107 -7.30 -10.09 8.49
N ASN A 108 -8.49 -9.55 8.27
CA ASN A 108 -9.35 -9.14 9.39
C ASN A 108 -10.75 -9.77 9.40
N ILE A 109 -10.81 -11.00 8.90
CA ILE A 109 -12.06 -11.77 8.86
C ILE A 109 -12.32 -12.25 10.28
N PRO A 110 -13.53 -11.98 10.82
CA PRO A 110 -13.83 -12.29 12.23
C PRO A 110 -13.33 -13.63 12.79
N GLU A 111 -13.60 -14.75 12.12
CA GLU A 111 -13.16 -16.07 12.60
C GLU A 111 -11.64 -16.18 12.80
N ASN A 112 -10.88 -15.52 11.93
CA ASN A 112 -9.44 -15.56 11.97
C ASN A 112 -8.92 -14.60 13.04
N VAL A 113 -9.49 -13.40 13.13
CA VAL A 113 -9.10 -12.41 14.16
C VAL A 113 -9.43 -12.91 15.58
N GLU A 114 -10.56 -13.58 15.71
CA GLU A 114 -11.00 -14.14 16.98
C GLU A 114 -10.04 -15.21 17.46
N LEU A 115 -9.57 -16.05 16.54
CA LEU A 115 -8.55 -17.05 16.88
C LEU A 115 -7.23 -16.38 17.29
N TRP A 116 -6.80 -15.36 16.53
CA TRP A 116 -5.57 -14.66 16.85
C TRP A 116 -5.67 -14.00 18.24
N ASP A 117 -6.77 -13.32 18.50
CA ASP A 117 -6.96 -12.65 19.80
C ASP A 117 -6.87 -13.64 20.96
N LYS A 118 -7.38 -14.85 20.73
CA LYS A 118 -7.37 -15.94 21.72
C LYS A 118 -5.96 -16.43 22.07
N ILE A 119 -5.07 -16.45 21.07
CA ILE A 119 -3.74 -17.01 21.25
C ILE A 119 -2.62 -15.97 21.37
N LYS A 120 -2.97 -14.69 21.18
CA LYS A 120 -2.00 -13.60 21.14
C LYS A 120 -1.21 -13.49 22.45
N ALA A 121 -1.89 -13.61 23.59
CA ALA A 121 -1.20 -13.43 24.88
C ALA A 121 -0.08 -14.44 25.07
N GLU A 122 -0.33 -15.69 24.68
CA GLU A 122 0.68 -16.76 24.79
C GLU A 122 1.92 -16.39 23.98
N ASN A 123 1.68 -15.83 22.80
CA ASN A 123 2.74 -15.47 21.86
C ASN A 123 3.48 -14.20 22.26
N GLU A 124 2.73 -13.24 22.81
CA GLU A 124 3.30 -12.02 23.41
C GLU A 124 4.36 -12.35 24.47
N LYS A 125 4.11 -13.43 25.21
CA LYS A 125 4.94 -13.82 26.34
C LYS A 125 6.36 -14.25 25.96
N TYR A 126 6.52 -14.78 24.74
CA TYR A 126 7.83 -15.27 24.30
C TYR A 126 8.79 -14.13 24.12
N GLU A 127 10.06 -14.38 24.45
CA GLU A 127 11.12 -13.55 23.96
C GLU A 127 11.68 -14.25 22.72
N GLY A 128 11.55 -13.57 21.59
CA GLY A 128 11.81 -14.15 20.29
C GLY A 128 13.15 -14.83 20.10
N GLN A 129 14.22 -14.23 20.63
CA GLN A 129 15.54 -14.77 20.42
C GLN A 129 15.70 -16.09 21.18
N GLN A 130 15.25 -16.11 22.44
CA GLN A 130 15.20 -17.34 23.22
C GLN A 130 14.31 -18.38 22.55
N LEU A 131 13.19 -17.93 21.97
CA LEU A 131 12.28 -18.84 21.28
C LEU A 131 12.98 -19.56 20.13
N LEU A 132 13.76 -18.82 19.35
CA LEU A 132 14.49 -19.43 18.25
C LEU A 132 15.45 -20.49 18.78
N ALA A 133 16.19 -20.16 19.84
CA ALA A 133 17.08 -21.11 20.46
C ALA A 133 16.33 -22.36 20.90
N ASP A 134 15.20 -22.18 21.59
CA ASP A 134 14.44 -23.31 22.12
C ASP A 134 13.79 -24.18 21.04
N LEU A 135 13.17 -23.57 20.04
CA LEU A 135 12.55 -24.34 18.96
C LEU A 135 13.55 -25.25 18.27
N VAL A 136 14.75 -24.71 18.04
CA VAL A 136 15.82 -25.44 17.38
C VAL A 136 16.39 -26.55 18.28
N MET A 137 16.70 -26.20 19.52
CA MET A 137 17.41 -27.12 20.41
C MET A 137 16.51 -28.20 21.01
N ASN A 138 15.21 -27.90 21.08
CA ASN A 138 14.24 -28.85 21.66
C ASN A 138 13.55 -29.74 20.64
N SER A 139 13.82 -29.50 19.35
CA SER A 139 13.24 -30.28 18.28
C SER A 139 13.87 -31.66 18.24
N GLU A 140 13.06 -32.68 17.97
CA GLU A 140 13.55 -34.06 17.81
C GLU A 140 14.44 -34.18 16.57
N GLU A 141 13.98 -33.62 15.47
CA GLU A 141 14.73 -33.60 14.21
C GLU A 141 15.40 -32.23 14.05
N LYS A 142 16.40 -32.16 13.17
CA LYS A 142 17.06 -30.90 12.89
C LYS A 142 16.11 -29.87 12.29
N VAL A 143 16.45 -28.59 12.45
CA VAL A 143 15.58 -27.49 12.05
C VAL A 143 16.28 -26.58 11.03
N THR A 144 15.58 -26.30 9.93
CA THR A 144 16.05 -25.32 8.93
C THR A 144 15.55 -23.94 9.34
N ILE A 145 16.47 -22.98 9.46
CA ILE A 145 16.09 -21.61 9.77
C ILE A 145 16.11 -20.82 8.45
N CYS A 146 14.95 -20.30 8.07
CA CYS A 146 14.86 -19.40 6.93
C CYS A 146 14.92 -17.97 7.45
N VAL A 147 16.03 -17.28 7.16
CA VAL A 147 16.25 -15.94 7.68
C VAL A 147 16.02 -14.92 6.56
N THR A 148 15.02 -14.08 6.77
CA THR A 148 14.60 -13.14 5.74
C THR A 148 14.71 -11.69 6.22
N GLY A 149 15.17 -11.52 7.45
CA GLY A 149 15.56 -10.21 7.97
C GLY A 149 17.02 -10.27 8.40
N PRO A 150 17.47 -9.32 9.21
CA PRO A 150 18.85 -9.35 9.71
C PRO A 150 19.23 -10.61 10.49
N LEU A 151 20.53 -10.83 10.63
CA LEU A 151 21.02 -12.06 11.23
C LEU A 151 21.20 -12.02 12.76
N SER A 152 20.63 -10.99 13.38
CA SER A 152 20.82 -10.72 14.82
C SER A 152 20.44 -11.89 15.72
N ASN A 153 19.37 -12.58 15.33
CA ASN A 153 18.79 -13.65 16.14
C ASN A 153 19.58 -14.94 16.04
N VAL A 154 19.96 -15.30 14.82
CA VAL A 154 20.86 -16.46 14.65
C VAL A 154 22.19 -16.21 15.40
N ALA A 155 22.77 -15.01 15.26
CA ALA A 155 24.00 -14.66 15.97
C ALA A 155 23.85 -14.75 17.50
N TRP A 156 22.73 -14.27 18.01
CA TRP A 156 22.44 -14.31 19.45
C TRP A 156 22.44 -15.75 19.96
N CYS A 157 21.85 -16.65 19.18
CA CYS A 157 21.81 -18.07 19.55
C CYS A 157 23.18 -18.71 19.48
N ILE A 158 23.96 -18.35 18.46
CA ILE A 158 25.32 -18.82 18.33
C ILE A 158 26.15 -18.35 19.52
N ASP A 159 25.99 -17.08 19.88
CA ASP A 159 26.78 -16.48 20.97
C ASP A 159 26.45 -17.12 22.32
N LYS A 160 25.17 -17.37 22.56
CA LYS A 160 24.74 -17.93 23.85
C LYS A 160 24.97 -19.43 23.97
N TYR A 161 24.71 -20.19 22.90
CA TYR A 161 24.69 -21.65 22.98
C TYR A 161 25.75 -22.38 22.14
N GLY A 162 26.33 -21.68 21.16
CA GLY A 162 27.37 -22.25 20.31
C GLY A 162 26.95 -23.55 19.66
N GLU A 163 27.80 -24.57 19.80
CA GLU A 163 27.61 -25.87 19.15
C GLU A 163 26.32 -26.57 19.61
N LYS A 164 25.90 -26.31 20.85
CA LYS A 164 24.66 -26.86 21.36
C LYS A 164 23.46 -26.37 20.56
N PHE A 165 23.61 -25.22 19.91
CA PHE A 165 22.58 -24.69 19.03
C PHE A 165 22.84 -25.14 17.59
N THR A 166 24.05 -24.90 17.08
CA THR A 166 24.32 -25.13 15.65
C THR A 166 24.19 -26.60 15.23
N SER A 167 24.51 -27.53 16.14
CA SER A 167 24.43 -28.95 15.83
C SER A 167 22.99 -29.43 15.56
N LYS A 168 22.02 -28.61 15.99
CA LYS A 168 20.59 -28.91 15.80
C LYS A 168 20.00 -28.20 14.57
N VAL A 169 20.82 -27.37 13.94
CA VAL A 169 20.40 -26.67 12.71
C VAL A 169 20.74 -27.52 11.50
N GLU A 170 19.73 -27.81 10.68
CA GLU A 170 19.91 -28.51 9.44
C GLU A 170 20.71 -27.60 8.51
N GLU A 171 20.17 -26.42 8.25
CA GLU A 171 20.86 -25.38 7.50
C GLU A 171 20.14 -24.08 7.72
N CYS A 172 20.86 -22.98 7.48
CA CYS A 172 20.26 -21.66 7.46
C CYS A 172 20.13 -21.27 6.01
N VAL A 173 18.95 -20.81 5.60
CA VAL A 173 18.76 -20.29 4.27
C VAL A 173 18.49 -18.79 4.45
N ILE A 174 19.42 -17.98 3.98
CA ILE A 174 19.49 -16.58 4.37
C ILE A 174 19.29 -15.65 3.18
N MET A 175 18.39 -14.68 3.31
CA MET A 175 18.32 -13.60 2.33
C MET A 175 19.24 -12.50 2.85
N GLY A 176 20.29 -12.22 2.10
CA GLY A 176 21.16 -11.11 2.47
C GLY A 176 22.42 -11.06 1.64
N GLY A 177 23.04 -9.90 1.64
CA GLY A 177 24.34 -9.72 1.05
C GLY A 177 24.31 -9.43 -0.43
N ALA A 178 25.50 -9.19 -0.96
CA ALA A 178 25.74 -8.91 -2.37
C ALA A 178 27.20 -9.30 -2.60
N VAL A 179 27.44 -10.24 -3.49
CA VAL A 179 28.78 -10.80 -3.66
C VAL A 179 29.51 -10.21 -4.87
N ASP A 180 28.95 -10.40 -6.07
CA ASP A 180 29.60 -9.93 -7.29
C ASP A 180 28.77 -8.87 -8.01
N VAL A 181 27.78 -8.33 -7.31
CA VAL A 181 26.98 -7.21 -7.82
C VAL A 181 26.97 -6.11 -6.75
N ARG A 182 26.51 -4.91 -7.10
CA ARG A 182 26.43 -3.84 -6.12
C ARG A 182 25.36 -4.19 -5.07
N GLY A 183 25.39 -3.48 -3.95
CA GLY A 183 24.38 -3.66 -2.91
C GLY A 183 23.14 -2.81 -3.14
N ASN A 184 22.40 -2.54 -2.07
CA ASN A 184 21.22 -1.70 -2.17
C ASN A 184 21.12 -0.64 -1.07
N VAL A 185 22.22 -0.43 -0.36
CA VAL A 185 22.31 0.57 0.72
C VAL A 185 23.01 1.79 0.15
N PHE A 186 22.18 2.78 -0.21
CA PHE A 186 22.66 4.00 -0.85
C PHE A 186 22.44 5.21 0.05
N LEU A 187 23.51 5.62 0.70
CA LEU A 187 23.47 6.70 1.68
C LEU A 187 24.66 7.62 1.43
N PRO A 188 24.62 8.87 1.94
CA PRO A 188 25.75 9.79 1.75
C PRO A 188 27.08 9.21 2.22
N SER A 189 27.04 8.40 3.27
CA SER A 189 28.22 7.81 3.89
C SER A 189 28.59 6.41 3.38
N THR A 190 27.88 5.89 2.37
CA THR A 190 28.14 4.54 1.87
C THR A 190 28.56 4.53 0.41
N ASP A 191 29.19 3.44 -0.01
CA ASP A 191 29.63 3.27 -1.39
C ASP A 191 28.67 2.43 -2.24
N GLY A 192 27.57 1.96 -1.63
CA GLY A 192 26.54 1.20 -2.34
C GLY A 192 26.82 -0.29 -2.53
N THR A 193 27.81 -0.82 -1.83
CA THR A 193 28.17 -2.23 -2.00
C THR A 193 27.53 -3.14 -0.95
N ALA A 194 26.87 -2.54 0.04
CA ALA A 194 26.22 -3.35 1.09
C ALA A 194 24.76 -3.55 0.78
N GLU A 195 24.21 -4.67 1.28
CA GLU A 195 22.79 -4.99 1.21
C GLU A 195 22.18 -4.77 2.59
N TRP A 196 20.90 -4.40 2.61
CA TRP A 196 20.24 -3.86 3.81
C TRP A 196 20.17 -4.80 5.01
N ASN A 197 19.81 -6.06 4.77
CA ASN A 197 19.69 -7.01 5.90
C ASN A 197 21.00 -7.16 6.68
N ILE A 198 22.11 -7.17 5.96
CA ILE A 198 23.44 -7.26 6.58
C ILE A 198 23.82 -5.92 7.21
N TYR A 199 23.55 -4.83 6.47
CA TYR A 199 23.84 -3.48 6.94
C TYR A 199 23.15 -3.14 8.29
N TRP A 200 21.94 -3.67 8.48
CA TRP A 200 21.19 -3.41 9.70
C TRP A 200 21.93 -3.87 10.94
N ASP A 201 22.68 -4.97 10.83
CA ASP A 201 23.50 -5.49 11.94
C ASP A 201 24.71 -6.27 11.41
N PRO A 202 25.77 -5.56 11.00
CA PRO A 202 26.95 -6.22 10.43
C PRO A 202 27.62 -7.22 11.37
N ALA A 203 27.82 -6.85 12.64
CA ALA A 203 28.51 -7.75 13.59
C ALA A 203 27.81 -9.10 13.74
N SER A 204 26.48 -9.07 13.82
CA SER A 204 25.71 -10.32 13.88
C SER A 204 25.89 -11.16 12.62
N ALA A 205 25.86 -10.51 11.45
CA ALA A 205 26.08 -11.20 10.19
C ALA A 205 27.46 -11.87 10.15
N LYS A 206 28.47 -11.15 10.63
CA LYS A 206 29.84 -11.68 10.64
C LYS A 206 29.91 -12.94 11.49
N THR A 207 29.27 -12.89 12.66
CA THR A 207 29.18 -14.04 13.55
C THR A 207 28.60 -15.26 12.83
N VAL A 208 27.48 -15.06 12.13
CA VAL A 208 26.83 -16.15 11.38
C VAL A 208 27.70 -16.69 10.24
N PHE A 209 28.22 -15.80 9.39
CA PHE A 209 28.95 -16.25 8.21
C PHE A 209 30.29 -16.90 8.54
N GLY A 210 30.84 -16.58 9.70
CA GLY A 210 32.13 -17.15 10.12
C GLY A 210 32.00 -18.37 11.00
N CYS A 211 30.77 -18.73 11.37
CA CYS A 211 30.52 -19.82 12.32
C CYS A 211 30.82 -21.19 11.73
N PRO A 212 31.70 -21.97 12.40
CA PRO A 212 31.95 -23.33 11.91
C PRO A 212 30.79 -24.27 12.29
N GLY A 213 30.67 -25.38 11.57
CA GLY A 213 29.65 -26.39 11.88
C GLY A 213 28.24 -25.90 11.64
N LEU A 214 28.09 -24.95 10.72
CA LEU A 214 26.77 -24.41 10.40
C LEU A 214 26.68 -24.28 8.87
N ARG A 215 25.76 -25.04 8.28
CA ARG A 215 25.52 -24.98 6.85
C ARG A 215 24.68 -23.76 6.54
N ARG A 216 25.15 -22.96 5.59
CA ARG A 216 24.50 -21.70 5.20
C ARG A 216 24.25 -21.69 3.70
N ILE A 217 23.01 -21.39 3.31
CA ILE A 217 22.65 -21.10 1.92
C ILE A 217 22.31 -19.61 1.84
N MET A 218 22.90 -18.91 0.88
CA MET A 218 22.82 -17.46 0.84
C MET A 218 22.18 -16.97 -0.43
N PHE A 219 21.02 -16.32 -0.28
CA PHE A 219 20.37 -15.62 -1.38
C PHE A 219 20.75 -14.15 -1.33
N SER A 220 21.83 -13.83 -2.02
CA SER A 220 22.32 -12.47 -2.13
C SER A 220 21.67 -11.79 -3.33
N LEU A 221 21.89 -10.49 -3.49
CA LEU A 221 21.33 -9.72 -4.60
C LEU A 221 21.71 -10.30 -5.97
N ASP A 222 22.83 -11.01 -6.02
CA ASP A 222 23.30 -11.68 -7.24
C ASP A 222 22.18 -12.54 -7.86
N SER A 223 21.45 -13.26 -7.01
CA SER A 223 20.35 -14.10 -7.44
C SER A 223 19.00 -13.37 -7.42
N THR A 224 18.76 -12.57 -6.38
CA THR A 224 17.44 -11.94 -6.21
C THR A 224 17.16 -10.85 -7.25
N ASN A 225 18.22 -10.28 -7.82
CA ASN A 225 18.09 -9.30 -8.92
C ASN A 225 17.32 -9.84 -10.13
N THR A 226 17.30 -11.16 -10.28
CA THR A 226 16.60 -11.82 -11.40
C THR A 226 15.09 -11.82 -11.29
N VAL A 227 14.56 -11.46 -10.11
CA VAL A 227 13.11 -11.50 -9.89
C VAL A 227 12.51 -10.18 -9.39
N PRO A 228 12.56 -9.12 -10.22
CA PRO A 228 11.82 -7.92 -9.85
C PRO A 228 10.32 -8.18 -9.86
N VAL A 229 9.59 -7.49 -8.98
CA VAL A 229 8.14 -7.62 -8.91
C VAL A 229 7.54 -6.71 -9.97
N ARG A 230 6.87 -7.30 -10.96
CA ARG A 230 6.35 -6.55 -12.10
C ARG A 230 4.86 -6.80 -12.30
N SER A 231 4.17 -5.79 -12.84
CA SER A 231 2.70 -5.76 -12.91
C SER A 231 2.01 -6.96 -13.59
N PRO A 232 2.50 -7.40 -14.78
CA PRO A 232 1.83 -8.51 -15.46
C PRO A 232 1.68 -9.75 -14.59
N TYR A 233 2.77 -10.18 -13.96
CA TYR A 233 2.73 -11.37 -13.09
C TYR A 233 1.82 -11.11 -11.90
N VAL A 234 1.99 -9.96 -11.25
CA VAL A 234 1.17 -9.58 -10.10
C VAL A 234 -0.31 -9.67 -10.44
N GLN A 235 -0.70 -9.13 -11.60
CA GLN A 235 -2.11 -9.16 -12.02
C GLN A 235 -2.68 -10.58 -12.19
N ARG A 236 -1.81 -11.57 -12.38
CA ARG A 236 -2.26 -12.94 -12.57
C ARG A 236 -2.93 -13.50 -11.32
N PHE A 237 -2.65 -12.92 -10.14
CA PHE A 237 -3.33 -13.40 -8.92
C PHE A 237 -4.81 -13.02 -8.99
N GLY A 238 -5.13 -12.07 -9.86
CA GLY A 238 -6.51 -11.69 -10.15
C GLY A 238 -7.33 -12.84 -10.73
N GLU A 239 -6.65 -13.78 -11.39
CA GLU A 239 -7.26 -14.99 -11.91
C GLU A 239 -7.71 -15.95 -10.81
N GLN A 240 -7.25 -15.71 -9.58
CA GLN A 240 -7.37 -16.73 -8.52
C GLN A 240 -8.04 -16.16 -7.27
N THR A 241 -8.97 -15.25 -7.48
CA THR A 241 -9.54 -14.46 -6.41
C THR A 241 -10.47 -15.32 -5.49
N ASN A 242 -10.78 -16.54 -5.94
CA ASN A 242 -11.47 -17.51 -5.09
C ASN A 242 -10.60 -18.07 -3.95
N PHE A 243 -9.32 -17.71 -3.99
CA PHE A 243 -8.35 -18.20 -3.02
C PHE A 243 -7.88 -17.05 -2.14
N LEU A 244 -8.05 -17.22 -0.83
CA LEU A 244 -7.68 -16.18 0.12
C LEU A 244 -6.21 -15.81 -0.03
N LEU A 245 -5.36 -16.81 -0.23
CA LEU A 245 -3.92 -16.58 -0.32
C LEU A 245 -3.54 -15.81 -1.59
N SER A 246 -4.38 -15.88 -2.62
CA SER A 246 -4.10 -15.16 -3.87
C SER A 246 -4.53 -13.71 -3.70
N ILE A 247 -5.63 -13.49 -2.98
CA ILE A 247 -5.96 -12.11 -2.59
C ILE A 247 -4.83 -11.55 -1.73
N LEU A 248 -4.35 -12.37 -0.79
CA LEU A 248 -3.28 -11.94 0.12
C LEU A 248 -1.97 -11.65 -0.60
N VAL A 249 -1.46 -12.62 -1.37
CA VAL A 249 -0.17 -12.47 -2.04
C VAL A 249 -0.25 -11.39 -3.10
N GLY A 250 -1.33 -11.41 -3.89
CA GLY A 250 -1.53 -10.44 -4.96
C GLY A 250 -1.56 -9.02 -4.44
N THR A 251 -2.27 -8.82 -3.32
CA THR A 251 -2.37 -7.52 -2.65
C THR A 251 -1.00 -7.01 -2.20
N MET A 252 -0.21 -7.88 -1.58
CA MET A 252 1.11 -7.48 -1.12
C MET A 252 2.01 -7.08 -2.30
N TRP A 253 2.04 -7.90 -3.35
CA TRP A 253 2.87 -7.58 -4.52
C TRP A 253 2.40 -6.31 -5.24
N ALA A 254 1.10 -6.09 -5.26
CA ALA A 254 0.53 -4.90 -5.91
C ALA A 254 1.00 -3.61 -5.27
N MET A 255 1.34 -3.69 -4.00
CA MET A 255 1.90 -2.55 -3.26
C MET A 255 3.37 -2.29 -3.57
N CYS A 256 3.99 -3.15 -4.37
CA CYS A 256 5.43 -3.11 -4.69
C CYS A 256 5.75 -2.71 -6.12
N THR A 257 4.75 -2.68 -6.98
CA THR A 257 5.01 -2.56 -8.43
C THR A 257 5.46 -1.17 -8.87
N HIS A 258 5.22 -0.17 -8.02
CA HIS A 258 5.53 1.21 -8.36
C HIS A 258 6.99 1.56 -8.06
N CYS A 259 7.58 0.80 -7.13
CA CYS A 259 8.88 1.13 -6.51
C CYS A 259 9.96 1.57 -7.47
N GLU A 260 10.55 2.73 -7.15
CA GLU A 260 11.43 3.47 -8.06
C GLU A 260 12.01 4.70 -7.39
N GLY A 265 17.83 2.00 -6.43
CA GLY A 265 17.95 1.25 -5.17
C GLY A 265 16.64 1.02 -4.44
N ASP A 266 15.60 1.72 -4.85
CA ASP A 266 14.29 1.57 -4.21
C ASP A 266 13.45 0.45 -4.83
N GLY A 267 13.93 -0.14 -5.94
CA GLY A 267 13.20 -1.19 -6.68
C GLY A 267 12.90 -2.40 -5.82
N TYR A 268 11.70 -2.97 -5.98
CA TYR A 268 11.28 -4.11 -5.15
C TYR A 268 11.44 -5.42 -5.92
N TYR A 269 11.94 -6.43 -5.21
CA TYR A 269 12.22 -7.74 -5.78
C TYR A 269 11.57 -8.78 -4.87
N ALA A 270 11.44 -10.00 -5.39
CA ALA A 270 10.96 -11.13 -4.58
C ALA A 270 12.09 -11.73 -3.72
N TRP A 271 12.84 -10.88 -3.02
CA TRP A 271 14.05 -11.31 -2.32
C TRP A 271 13.76 -12.47 -1.37
N ASP A 272 12.86 -12.24 -0.41
CA ASP A 272 12.60 -13.24 0.63
C ASP A 272 11.79 -14.40 0.10
N ALA A 273 10.94 -14.14 -0.88
CA ALA A 273 10.09 -15.18 -1.47
C ALA A 273 10.94 -16.23 -2.21
N LEU A 274 11.95 -15.78 -2.94
CA LEU A 274 12.88 -16.69 -3.61
C LEU A 274 13.63 -17.54 -2.60
N THR A 275 14.06 -16.91 -1.52
CA THR A 275 14.76 -17.56 -0.43
C THR A 275 13.89 -18.67 0.19
N ALA A 276 12.65 -18.35 0.51
CA ALA A 276 11.70 -19.35 1.03
C ALA A 276 11.40 -20.45 0.00
N ALA A 277 11.24 -20.06 -1.28
CA ALA A 277 11.02 -21.02 -2.35
C ALA A 277 12.09 -22.12 -2.37
N TYR A 278 13.35 -21.73 -2.14
CA TYR A 278 14.47 -22.67 -2.10
C TYR A 278 14.30 -23.67 -0.96
N VAL A 279 13.84 -23.17 0.19
CA VAL A 279 13.53 -24.03 1.34
C VAL A 279 12.49 -25.07 0.96
N VAL A 280 11.46 -24.65 0.22
CA VAL A 280 10.44 -25.57 -0.30
C VAL A 280 11.06 -26.59 -1.28
N ASP A 281 11.84 -26.11 -2.24
CA ASP A 281 12.42 -26.98 -3.27
C ASP A 281 13.75 -26.43 -3.73
N GLN A 282 14.83 -27.15 -3.43
CA GLN A 282 16.19 -26.69 -3.75
C GLN A 282 16.49 -26.53 -5.25
N LYS A 283 15.61 -27.04 -6.10
CA LYS A 283 15.74 -26.84 -7.55
C LYS A 283 15.56 -25.38 -7.99
N VAL A 284 15.09 -24.53 -7.07
CA VAL A 284 14.94 -23.09 -7.31
C VAL A 284 16.25 -22.44 -7.77
N ALA A 285 17.37 -22.96 -7.27
CA ALA A 285 18.69 -22.41 -7.62
C ALA A 285 19.83 -23.38 -7.35
N ASN A 286 20.85 -23.35 -8.19
CA ASN A 286 22.11 -24.00 -7.84
C ASN A 286 22.91 -23.07 -6.90
N VAL A 287 23.94 -23.63 -6.26
CA VAL A 287 24.74 -22.87 -5.30
C VAL A 287 26.24 -23.06 -5.52
N ASP A 288 27.03 -22.05 -5.17
CA ASP A 288 28.49 -22.15 -5.18
C ASP A 288 29.10 -21.81 -3.82
N PRO A 289 30.07 -22.63 -3.36
CA PRO A 289 30.72 -22.34 -2.07
C PRO A 289 31.64 -21.10 -2.15
N VAL A 290 31.42 -20.18 -1.21
CA VAL A 290 32.21 -18.95 -1.11
C VAL A 290 32.49 -18.70 0.38
N PRO A 291 33.76 -18.41 0.75
CA PRO A 291 34.03 -18.00 2.14
C PRO A 291 33.64 -16.53 2.36
N ILE A 292 32.62 -16.29 3.18
CA ILE A 292 32.03 -14.97 3.34
C ILE A 292 32.40 -14.31 4.67
N ASP A 293 33.00 -13.12 4.57
CA ASP A 293 33.24 -12.26 5.72
C ASP A 293 32.34 -11.03 5.56
N VAL A 294 32.17 -10.28 6.64
CA VAL A 294 31.33 -9.10 6.64
C VAL A 294 32.13 -7.91 7.18
N VAL A 295 32.13 -6.81 6.44
CA VAL A 295 32.73 -5.55 6.93
C VAL A 295 31.91 -4.96 8.07
N VAL A 296 32.53 -4.83 9.23
CA VAL A 296 31.84 -4.30 10.42
C VAL A 296 32.35 -2.92 10.82
N ASP A 297 33.56 -2.57 10.38
CA ASP A 297 34.10 -1.24 10.66
C ASP A 297 33.21 -0.17 10.01
N LYS A 298 33.26 1.03 10.56
CA LYS A 298 32.49 2.16 10.05
C LYS A 298 33.23 2.78 8.87
N GLN A 299 33.14 2.10 7.74
CA GLN A 299 33.73 2.55 6.49
C GLN A 299 32.62 2.56 5.45
N PRO A 300 32.88 3.12 4.25
CA PRO A 300 31.82 3.26 3.25
C PRO A 300 31.14 1.96 2.88
N ASN A 301 31.87 0.83 2.90
CA ASN A 301 31.27 -0.47 2.62
C ASN A 301 30.88 -1.24 3.87
N GLU A 302 30.66 -0.54 4.98
CA GLU A 302 30.13 -1.15 6.18
C GLU A 302 28.97 -2.07 5.77
N GLY A 303 28.97 -3.30 6.27
CA GLY A 303 27.91 -4.23 5.98
C GLY A 303 28.08 -5.05 4.72
N ALA A 304 29.16 -4.80 3.97
CA ALA A 304 29.38 -5.59 2.75
C ALA A 304 29.76 -7.03 3.07
N THR A 305 29.25 -7.95 2.26
CA THR A 305 29.70 -9.34 2.29
C THR A 305 30.79 -9.50 1.25
N VAL A 306 31.99 -9.82 1.71
CA VAL A 306 33.16 -9.96 0.81
C VAL A 306 33.73 -11.37 0.93
N ARG A 307 34.43 -11.82 -0.11
CA ARG A 307 35.20 -13.07 -0.04
C ARG A 307 36.38 -12.83 0.87
N THR A 308 36.64 -13.76 1.78
CA THR A 308 37.82 -13.68 2.65
C THR A 308 38.84 -14.75 2.26
N ASP A 309 40.13 -14.43 2.44
CA ASP A 309 41.24 -15.35 2.14
C ASP A 309 41.66 -16.22 3.34
N ALA A 310 41.02 -16.00 4.49
CA ALA A 310 41.39 -16.67 5.74
C ALA A 310 41.47 -18.18 5.58
N GLU A 311 42.52 -18.79 6.13
CA GLU A 311 42.70 -20.23 5.99
C GLU A 311 41.63 -20.98 6.76
N ASN A 312 41.12 -22.05 6.17
CA ASN A 312 40.10 -22.91 6.78
C ASN A 312 38.81 -22.17 7.16
N TYR A 313 38.54 -21.07 6.48
CA TYR A 313 37.33 -20.31 6.74
C TYR A 313 36.11 -21.06 6.20
N PRO A 314 35.03 -21.16 7.02
CA PRO A 314 33.85 -21.91 6.58
C PRO A 314 33.19 -21.35 5.33
N LEU A 315 32.65 -22.24 4.51
CA LEU A 315 32.02 -21.87 3.27
C LEU A 315 30.56 -21.52 3.45
N THR A 316 30.09 -20.66 2.56
CA THR A 316 28.68 -20.34 2.44
C THR A 316 28.27 -20.64 1.00
N PHE A 317 27.13 -21.29 0.84
CA PHE A 317 26.65 -21.66 -0.49
C PHE A 317 25.77 -20.57 -1.07
N VAL A 318 26.37 -19.80 -1.99
CA VAL A 318 25.71 -18.63 -2.56
C VAL A 318 24.88 -19.08 -3.77
N ALA A 319 23.61 -18.67 -3.78
CA ALA A 319 22.69 -19.04 -4.85
C ALA A 319 23.12 -18.41 -6.18
N ARG A 320 22.94 -19.17 -7.26
CA ARG A 320 23.30 -18.72 -8.60
C ARG A 320 22.26 -19.19 -9.60
N ASN A 321 22.03 -18.39 -10.64
CA ASN A 321 21.14 -18.77 -11.75
C ASN A 321 19.78 -19.32 -11.27
N PRO A 322 19.00 -18.52 -10.51
CA PRO A 322 17.73 -19.11 -10.06
C PRO A 322 16.79 -19.44 -11.21
N GLU A 323 15.95 -20.45 -10.98
CA GLU A 323 14.94 -20.88 -11.93
C GLU A 323 13.68 -20.02 -11.74
N ALA A 324 13.65 -18.90 -12.44
CA ALA A 324 12.61 -17.88 -12.27
C ALA A 324 11.21 -18.38 -12.61
N GLU A 325 11.04 -18.99 -13.78
CA GLU A 325 9.74 -19.55 -14.17
C GLU A 325 9.24 -20.56 -13.15
N PHE A 326 10.16 -21.41 -12.69
CA PHE A 326 9.84 -22.42 -11.68
C PHE A 326 9.38 -21.75 -10.38
N PHE A 327 10.10 -20.72 -9.96
CA PHE A 327 9.69 -19.93 -8.80
C PHE A 327 8.31 -19.28 -9.01
N LEU A 328 8.14 -18.59 -10.14
CA LEU A 328 6.88 -17.88 -10.39
C LEU A 328 5.68 -18.82 -10.38
N ASP A 329 5.83 -19.98 -11.02
CA ASP A 329 4.78 -21.00 -11.05
C ASP A 329 4.53 -21.52 -9.64
N MET A 330 5.60 -21.77 -8.89
CA MET A 330 5.48 -22.25 -7.50
C MET A 330 4.64 -21.30 -6.67
N LEU A 331 4.90 -20.01 -6.83
CA LEU A 331 4.17 -19.02 -6.01
C LEU A 331 2.69 -18.93 -6.39
N LEU A 332 2.41 -18.85 -7.70
CA LEU A 332 1.02 -18.87 -8.17
C LEU A 332 0.28 -20.11 -7.67
N ARG A 333 0.92 -21.27 -7.73
CA ARG A 333 0.34 -22.54 -7.26
C ARG A 333 0.16 -22.59 -5.75
N SER A 334 1.18 -22.13 -5.01
CA SER A 334 1.11 -22.08 -3.54
C SER A 334 -0.03 -21.19 -3.07
N ALA A 335 -0.28 -20.09 -3.79
CA ALA A 335 -1.35 -19.16 -3.45
C ALA A 335 -2.77 -19.70 -3.74
N ARG A 336 -2.84 -20.93 -4.26
CA ARG A 336 -4.11 -21.66 -4.42
C ARG A 336 -4.34 -22.67 -3.30
N ALA A 337 -3.50 -22.64 -2.26
CA ALA A 337 -3.63 -23.64 -1.18
C ALA A 337 -4.90 -23.44 -0.36
N CYS A 338 -5.32 -22.17 -0.23
CA CYS A 338 -6.63 -21.79 0.31
C CYS A 338 -6.94 -20.36 -0.07
N ALA B 13 -33.06 10.10 -8.40
CA ALA B 13 -31.56 10.25 -8.45
C ALA B 13 -31.16 11.47 -9.27
N LYS B 14 -30.14 12.18 -8.80
CA LYS B 14 -29.65 13.35 -9.52
C LYS B 14 -28.40 13.00 -10.30
N ASN B 15 -28.17 13.72 -11.39
CA ASN B 15 -26.99 13.51 -12.23
C ASN B 15 -25.73 14.03 -11.54
N VAL B 16 -24.71 13.18 -11.51
CA VAL B 16 -23.43 13.55 -10.89
C VAL B 16 -22.29 13.23 -11.84
N VAL B 17 -21.32 14.13 -11.89
CA VAL B 17 -20.05 13.85 -12.57
C VAL B 17 -18.94 13.91 -11.52
N LEU B 18 -18.06 12.91 -11.53
CA LEU B 18 -16.91 12.90 -10.63
C LEU B 18 -15.66 13.37 -11.34
N ASP B 19 -15.12 14.48 -10.86
CA ASP B 19 -13.92 15.14 -11.39
C ASP B 19 -12.81 14.90 -10.35
N HIS B 20 -12.01 13.86 -10.57
CA HIS B 20 -11.07 13.37 -9.54
C HIS B 20 -9.63 13.33 -10.04
N ASP B 21 -8.69 13.08 -9.12
CA ASP B 21 -7.29 12.94 -9.49
C ASP B 21 -6.64 11.64 -8.98
N GLY B 22 -7.45 10.60 -8.83
CA GLY B 22 -6.92 9.25 -8.83
C GLY B 22 -6.06 8.83 -7.67
N ASN B 23 -6.22 9.47 -6.52
CA ASN B 23 -5.62 8.93 -5.32
C ASN B 23 -6.60 8.01 -4.61
N LEU B 24 -6.20 7.43 -3.48
CA LEU B 24 -6.99 6.38 -2.85
C LEU B 24 -8.38 6.86 -2.44
N ASP B 25 -8.44 8.03 -1.81
CA ASP B 25 -9.75 8.51 -1.37
C ASP B 25 -10.61 8.96 -2.55
N ASP B 26 -9.96 9.32 -3.67
CA ASP B 26 -10.71 9.60 -4.91
C ASP B 26 -11.52 8.39 -5.32
N PHE B 27 -10.92 7.21 -5.18
CA PHE B 27 -11.58 5.98 -5.58
C PHE B 27 -12.64 5.56 -4.55
N VAL B 28 -12.40 5.87 -3.29
CA VAL B 28 -13.43 5.63 -2.27
C VAL B 28 -14.65 6.52 -2.56
N ALA B 29 -14.39 7.78 -2.93
CA ALA B 29 -15.45 8.69 -3.35
C ALA B 29 -16.21 8.11 -4.54
N MET B 30 -15.49 7.58 -5.53
CA MET B 30 -16.14 6.97 -6.69
C MET B 30 -17.08 5.86 -6.27
N VAL B 31 -16.61 4.95 -5.41
CA VAL B 31 -17.46 3.86 -4.90
C VAL B 31 -18.72 4.39 -4.21
N LEU B 32 -18.55 5.38 -3.33
CA LEU B 32 -19.68 5.98 -2.61
C LEU B 32 -20.75 6.50 -3.56
N LEU B 33 -20.32 7.27 -4.56
CA LEU B 33 -21.22 7.86 -5.54
C LEU B 33 -21.87 6.81 -6.45
N ALA B 34 -21.05 5.91 -6.99
CA ALA B 34 -21.54 4.89 -7.89
C ALA B 34 -22.52 3.94 -7.20
N SER B 35 -22.21 3.59 -5.96
CA SER B 35 -22.97 2.55 -5.26
C SER B 35 -24.36 3.02 -4.81
N ASN B 36 -24.52 4.33 -4.63
CA ASN B 36 -25.78 4.91 -4.14
C ASN B 36 -26.74 5.32 -5.26
N THR B 37 -27.15 4.35 -6.07
CA THR B 37 -27.95 4.60 -7.28
C THR B 37 -29.32 5.24 -7.01
N GLU B 38 -29.86 5.05 -5.81
CA GLU B 38 -31.14 5.68 -5.47
C GLU B 38 -31.02 7.20 -5.41
N LYS B 39 -29.83 7.67 -5.02
CA LYS B 39 -29.59 9.10 -4.83
C LYS B 39 -28.79 9.73 -5.97
N VAL B 40 -27.90 8.95 -6.58
CA VAL B 40 -26.89 9.46 -7.50
C VAL B 40 -26.87 8.64 -8.78
N ARG B 41 -27.09 9.32 -9.91
CA ARG B 41 -26.84 8.75 -11.21
C ARG B 41 -25.48 9.27 -11.68
N LEU B 42 -24.49 8.39 -11.68
CA LEU B 42 -23.12 8.77 -12.03
C LEU B 42 -23.00 8.75 -13.54
N ILE B 43 -23.02 9.93 -14.15
CA ILE B 43 -23.12 10.00 -15.61
C ILE B 43 -21.76 10.17 -16.28
N GLY B 44 -20.70 10.25 -15.49
CA GLY B 44 -19.37 10.37 -16.07
C GLY B 44 -18.30 10.63 -15.04
N ALA B 45 -17.05 10.37 -15.40
CA ALA B 45 -15.91 10.70 -14.54
C ALA B 45 -14.78 11.23 -15.41
N LEU B 46 -13.93 12.04 -14.80
CA LEU B 46 -12.69 12.44 -15.45
C LEU B 46 -11.54 12.35 -14.46
N CYS B 47 -10.35 12.06 -14.96
CA CYS B 47 -9.19 11.91 -14.10
C CYS B 47 -8.14 12.92 -14.49
N THR B 48 -7.60 13.59 -13.49
CA THR B 48 -6.55 14.58 -13.68
C THR B 48 -5.19 14.05 -13.19
N ASP B 49 -4.15 14.38 -13.95
CA ASP B 49 -2.76 13.96 -13.70
C ASP B 49 -2.13 14.72 -12.52
N ALA B 50 -2.84 14.77 -11.39
CA ALA B 50 -2.40 15.52 -10.24
C ALA B 50 -1.84 14.58 -9.18
N ASP B 51 -2.69 14.14 -8.26
CA ASP B 51 -2.27 13.20 -7.21
C ASP B 51 -2.24 11.73 -7.71
N CYS B 52 -1.93 11.56 -8.99
CA CYS B 52 -1.75 10.26 -9.62
C CYS B 52 -0.96 10.45 -10.91
N PHE B 53 -0.61 9.36 -11.54
CA PHE B 53 -0.23 9.36 -12.95
C PHE B 53 -1.50 9.03 -13.74
N VAL B 54 -1.92 9.97 -14.60
CA VAL B 54 -3.23 9.91 -15.24
C VAL B 54 -3.57 8.58 -15.95
N GLU B 55 -2.57 7.94 -16.57
CA GLU B 55 -2.82 6.63 -17.21
C GLU B 55 -3.31 5.59 -16.19
N ASN B 56 -2.69 5.59 -15.00
CA ASN B 56 -3.08 4.67 -13.94
C ASN B 56 -4.44 5.04 -13.35
N GLY B 57 -4.63 6.32 -13.04
CA GLY B 57 -5.91 6.83 -12.51
C GLY B 57 -7.08 6.53 -13.43
N PHE B 58 -6.86 6.70 -14.73
CA PHE B 58 -7.85 6.37 -15.77
C PHE B 58 -8.18 4.87 -15.75
N ASN B 59 -7.13 4.05 -15.76
CA ASN B 59 -7.29 2.62 -15.76
C ASN B 59 -8.04 2.09 -14.52
N VAL B 60 -7.69 2.63 -13.35
CA VAL B 60 -8.36 2.22 -12.11
C VAL B 60 -9.83 2.66 -12.11
N THR B 61 -10.10 3.87 -12.60
CA THR B 61 -11.48 4.31 -12.76
C THR B 61 -12.29 3.30 -13.58
N GLY B 62 -11.78 2.91 -14.74
CA GLY B 62 -12.45 1.93 -15.60
C GLY B 62 -12.58 0.57 -14.93
N LYS B 63 -11.51 0.12 -14.27
CA LYS B 63 -11.55 -1.18 -13.60
C LYS B 63 -12.60 -1.24 -12.47
N ILE B 64 -12.71 -0.15 -11.71
CA ILE B 64 -13.74 -0.07 -10.65
C ILE B 64 -15.15 -0.06 -11.25
N MET B 65 -15.36 0.78 -12.26
CA MET B 65 -16.65 0.84 -12.95
C MET B 65 -17.09 -0.52 -13.48
N CYS B 66 -16.14 -1.26 -14.06
CA CYS B 66 -16.46 -2.57 -14.66
C CYS B 66 -16.76 -3.62 -13.59
N LEU B 67 -15.99 -3.62 -12.50
CA LEU B 67 -16.30 -4.49 -11.35
C LEU B 67 -17.73 -4.24 -10.89
N MET B 68 -18.09 -2.98 -10.72
CA MET B 68 -19.41 -2.63 -10.19
C MET B 68 -20.51 -2.96 -11.20
N HIS B 69 -20.29 -2.57 -12.45
CA HIS B 69 -21.24 -2.88 -13.54
C HIS B 69 -21.58 -4.37 -13.62
N ASN B 70 -20.58 -5.22 -13.45
CA ASN B 70 -20.81 -6.65 -13.56
C ASN B 70 -21.47 -7.28 -12.34
N ASN B 71 -21.62 -6.50 -11.28
CA ASN B 71 -22.08 -7.06 -10.00
C ASN B 71 -23.26 -6.36 -9.34
N MET B 72 -23.66 -5.23 -9.92
CA MET B 72 -24.81 -4.47 -9.43
C MET B 72 -25.34 -3.62 -10.56
N ASN B 73 -26.50 -2.99 -10.35
CA ASN B 73 -27.10 -2.18 -11.39
C ASN B 73 -26.44 -0.80 -11.51
N LEU B 74 -25.21 -0.79 -12.04
CA LEU B 74 -24.51 0.46 -12.32
C LEU B 74 -24.24 0.60 -13.82
N PRO B 75 -25.01 1.46 -14.51
CA PRO B 75 -24.77 1.67 -15.94
C PRO B 75 -23.38 2.23 -16.22
N LEU B 76 -22.78 1.76 -17.31
CA LEU B 76 -21.49 2.27 -17.74
C LEU B 76 -21.65 3.75 -18.03
N PHE B 77 -20.56 4.48 -17.86
CA PHE B 77 -20.54 5.91 -18.13
C PHE B 77 -19.20 6.25 -18.75
N PRO B 78 -19.12 7.37 -19.47
CA PRO B 78 -17.85 7.78 -20.05
C PRO B 78 -16.82 8.23 -19.01
N ILE B 79 -15.54 7.92 -19.28
CA ILE B 79 -14.43 8.28 -18.41
C ILE B 79 -13.40 8.98 -19.29
N GLY B 80 -13.00 10.19 -18.94
CA GLY B 80 -12.01 10.91 -19.75
C GLY B 80 -10.78 11.32 -18.99
N LYS B 81 -9.62 11.30 -19.66
CA LYS B 81 -8.38 11.84 -19.09
C LYS B 81 -8.34 13.33 -19.31
N SER B 82 -8.11 14.11 -18.25
CA SER B 82 -8.00 15.56 -18.38
C SER B 82 -6.66 15.98 -18.99
N ALA B 83 -6.68 17.03 -19.80
CA ALA B 83 -5.46 17.56 -20.39
C ALA B 83 -4.77 18.60 -19.49
N ALA B 84 -5.39 18.89 -18.33
CA ALA B 84 -4.85 19.87 -17.38
C ALA B 84 -3.42 19.56 -16.94
N THR B 85 -2.60 20.61 -16.86
CA THR B 85 -1.21 20.48 -16.43
C THR B 85 -1.02 21.23 -15.11
N ALA B 86 -0.08 20.73 -14.32
CA ALA B 86 0.18 21.25 -12.97
C ALA B 86 0.83 22.63 -13.00
N VAL B 87 0.42 23.47 -12.05
CA VAL B 87 1.24 24.64 -11.69
C VAL B 87 2.31 24.14 -10.72
N ASN B 88 1.87 23.43 -9.67
CA ASN B 88 2.77 22.81 -8.70
C ASN B 88 2.42 21.34 -8.52
N PRO B 89 3.24 20.43 -9.10
CA PRO B 89 2.99 18.99 -9.09
C PRO B 89 3.02 18.37 -7.70
N PHE B 90 2.26 17.28 -7.52
CA PHE B 90 2.25 16.53 -6.27
C PHE B 90 3.58 15.79 -6.07
N PRO B 91 3.89 15.37 -4.83
CA PRO B 91 5.03 14.48 -4.60
C PRO B 91 4.89 13.17 -5.36
N LYS B 92 5.96 12.74 -6.01
CA LYS B 92 5.93 11.51 -6.80
C LYS B 92 5.50 10.28 -5.99
N GLU B 93 5.91 10.21 -4.72
CA GLU B 93 5.56 9.09 -3.84
C GLU B 93 4.04 8.91 -3.77
N TRP B 94 3.33 10.03 -3.63
CA TRP B 94 1.88 10.00 -3.46
C TRP B 94 1.18 9.65 -4.76
N ARG B 95 1.76 10.06 -5.89
CA ARG B 95 1.15 9.86 -7.20
C ARG B 95 1.15 8.39 -7.63
N CYS B 96 1.95 7.57 -6.95
CA CYS B 96 2.12 6.16 -7.30
C CYS B 96 0.97 5.26 -6.87
N LEU B 97 0.10 5.77 -6.00
CA LEU B 97 -0.92 4.90 -5.40
C LEU B 97 -1.94 4.30 -6.39
N ALA B 98 -2.24 5.01 -7.47
CA ALA B 98 -3.15 4.47 -8.49
C ALA B 98 -2.49 3.30 -9.21
N LYS B 99 -1.15 3.33 -9.30
CA LYS B 99 -0.40 2.25 -9.94
C LYS B 99 -0.60 0.97 -9.13
N ASN B 100 -0.46 1.08 -7.81
CA ASN B 100 -0.70 -0.04 -6.88
C ASN B 100 -2.09 -0.63 -7.04
N MET B 101 -3.08 0.25 -7.16
CA MET B 101 -4.47 -0.20 -7.27
C MET B 101 -4.72 -0.91 -8.61
N ASP B 102 -4.06 -0.42 -9.66
CA ASP B 102 -4.20 -1.00 -10.98
C ASP B 102 -3.79 -2.48 -10.94
N ASP B 103 -2.96 -2.86 -9.98
CA ASP B 103 -2.45 -4.22 -9.90
C ASP B 103 -3.10 -5.11 -8.86
N MET B 104 -4.06 -4.56 -8.10
CA MET B 104 -4.75 -5.31 -7.06
C MET B 104 -5.62 -6.44 -7.60
N PRO B 105 -5.55 -7.64 -6.97
CA PRO B 105 -6.36 -8.76 -7.39
C PRO B 105 -7.83 -8.39 -7.55
N ILE B 106 -8.35 -7.60 -6.62
CA ILE B 106 -9.78 -7.26 -6.59
C ILE B 106 -10.22 -6.51 -7.84
N LEU B 107 -9.27 -5.78 -8.46
CA LEU B 107 -9.54 -5.04 -9.67
C LEU B 107 -9.12 -5.75 -10.94
N ASN B 108 -8.70 -7.01 -10.81
CA ASN B 108 -8.18 -7.76 -11.95
C ASN B 108 -8.81 -9.14 -12.11
N ILE B 109 -10.08 -9.24 -11.72
CA ILE B 109 -10.91 -10.41 -12.01
C ILE B 109 -11.17 -10.43 -13.52
N PRO B 110 -10.83 -11.56 -14.17
CA PRO B 110 -10.84 -11.64 -15.64
C PRO B 110 -12.12 -11.14 -16.33
N GLU B 111 -13.30 -11.46 -15.81
CA GLU B 111 -14.57 -11.00 -16.41
C GLU B 111 -14.72 -9.46 -16.43
N ASN B 112 -14.14 -8.82 -15.42
CA ASN B 112 -14.20 -7.36 -15.27
C ASN B 112 -13.17 -6.67 -16.15
N VAL B 113 -11.96 -7.21 -16.17
CA VAL B 113 -10.92 -6.63 -17.04
C VAL B 113 -11.19 -6.90 -18.52
N GLU B 114 -11.84 -8.02 -18.85
CA GLU B 114 -12.29 -8.28 -20.23
C GLU B 114 -13.28 -7.19 -20.68
N LEU B 115 -14.19 -6.82 -19.77
CA LEU B 115 -15.15 -5.76 -20.08
C LEU B 115 -14.41 -4.44 -20.29
N TRP B 116 -13.46 -4.14 -19.40
CA TRP B 116 -12.68 -2.90 -19.50
C TRP B 116 -11.88 -2.84 -20.80
N ASP B 117 -11.21 -3.93 -21.14
CA ASP B 117 -10.46 -4.02 -22.41
C ASP B 117 -11.37 -3.71 -23.60
N LYS B 118 -12.61 -4.18 -23.53
CA LYS B 118 -13.59 -4.00 -24.61
C LYS B 118 -14.08 -2.54 -24.78
N ILE B 119 -14.24 -1.82 -23.67
CA ILE B 119 -14.80 -0.47 -23.69
C ILE B 119 -13.75 0.63 -23.60
N LYS B 120 -12.49 0.24 -23.47
CA LYS B 120 -11.41 1.20 -23.27
C LYS B 120 -11.20 2.15 -24.45
N ALA B 121 -11.25 1.63 -25.68
CA ALA B 121 -10.96 2.45 -26.87
C ALA B 121 -11.90 3.63 -26.99
N GLU B 122 -13.18 3.43 -26.64
CA GLU B 122 -14.17 4.50 -26.65
C GLU B 122 -13.79 5.57 -25.63
N ASN B 123 -13.38 5.14 -24.44
CA ASN B 123 -13.06 6.06 -23.35
C ASN B 123 -11.73 6.81 -23.47
N GLU B 124 -10.71 6.16 -24.01
CA GLU B 124 -9.40 6.83 -24.11
C GLU B 124 -9.35 7.89 -25.22
N LYS B 125 -10.41 7.94 -26.03
CA LYS B 125 -10.59 9.01 -27.02
C LYS B 125 -11.15 10.31 -26.43
N TYR B 126 -11.77 10.25 -25.25
CA TYR B 126 -12.32 11.46 -24.63
C TYR B 126 -11.23 12.39 -24.12
N GLU B 127 -11.45 13.68 -24.31
CA GLU B 127 -10.69 14.70 -23.61
C GLU B 127 -11.51 15.10 -22.38
N GLY B 128 -10.93 14.90 -21.20
CA GLY B 128 -11.64 15.05 -19.92
C GLY B 128 -12.33 16.39 -19.69
N GLN B 129 -11.67 17.49 -20.04
CA GLN B 129 -12.23 18.82 -19.79
C GLN B 129 -13.44 19.03 -20.69
N GLN B 130 -13.29 18.73 -21.97
CA GLN B 130 -14.42 18.82 -22.89
C GLN B 130 -15.54 17.88 -22.49
N LEU B 131 -15.17 16.70 -21.99
CA LEU B 131 -16.17 15.74 -21.50
C LEU B 131 -16.97 16.33 -20.35
N LEU B 132 -16.30 16.99 -19.41
CA LEU B 132 -17.02 17.63 -18.31
C LEU B 132 -18.02 18.68 -18.80
N ALA B 133 -17.58 19.55 -19.71
CA ALA B 133 -18.46 20.57 -20.27
C ALA B 133 -19.68 19.95 -20.93
N ASP B 134 -19.47 18.91 -21.72
CA ASP B 134 -20.53 18.27 -22.51
C ASP B 134 -21.56 17.55 -21.66
N LEU B 135 -21.10 16.82 -20.64
CA LEU B 135 -22.00 16.09 -19.75
C LEU B 135 -22.89 17.04 -18.97
N VAL B 136 -22.30 18.12 -18.48
CA VAL B 136 -23.03 19.14 -17.73
C VAL B 136 -24.03 19.87 -18.65
N MET B 137 -23.56 20.34 -19.79
CA MET B 137 -24.41 21.21 -20.64
C MET B 137 -25.51 20.50 -21.43
N ASN B 138 -25.32 19.21 -21.70
CA ASN B 138 -26.25 18.43 -22.51
C ASN B 138 -27.20 17.56 -21.69
N SER B 139 -27.03 17.59 -20.37
CA SER B 139 -27.98 16.95 -19.47
C SER B 139 -29.29 17.73 -19.45
N GLU B 140 -30.41 17.02 -19.37
CA GLU B 140 -31.71 17.67 -19.34
C GLU B 140 -31.90 18.37 -18.00
N GLU B 141 -31.63 17.64 -16.92
CA GLU B 141 -31.65 18.23 -15.59
C GLU B 141 -30.25 18.68 -15.18
N LYS B 142 -30.17 19.54 -14.17
CA LYS B 142 -28.89 20.08 -13.70
C LYS B 142 -27.98 18.99 -13.15
N VAL B 143 -26.68 19.24 -13.24
CA VAL B 143 -25.66 18.25 -12.86
C VAL B 143 -24.84 18.75 -11.68
N THR B 144 -24.65 17.89 -10.69
CA THR B 144 -23.74 18.17 -9.58
C THR B 144 -22.35 17.66 -9.94
N ILE B 145 -21.35 18.51 -9.78
CA ILE B 145 -19.97 18.11 -10.04
C ILE B 145 -19.31 17.88 -8.68
N CYS B 146 -18.89 16.64 -8.44
CA CYS B 146 -18.11 16.33 -7.25
C CYS B 146 -16.64 16.45 -7.66
N VAL B 147 -15.96 17.47 -7.16
CA VAL B 147 -14.54 17.72 -7.47
C VAL B 147 -13.67 17.28 -6.32
N THR B 148 -12.84 16.27 -6.57
CA THR B 148 -11.99 15.72 -5.52
C THR B 148 -10.50 15.85 -5.87
N GLY B 149 -10.22 16.47 -7.01
CA GLY B 149 -8.85 16.87 -7.35
C GLY B 149 -8.80 18.38 -7.52
N PRO B 150 -7.76 18.88 -8.20
CA PRO B 150 -7.64 20.32 -8.44
C PRO B 150 -8.81 20.88 -9.28
N LEU B 151 -8.97 22.19 -9.23
CA LEU B 151 -10.12 22.86 -9.84
C LEU B 151 -9.90 23.27 -11.30
N SER B 152 -8.83 22.75 -11.90
CA SER B 152 -8.43 23.05 -13.29
C SER B 152 -9.53 22.82 -14.33
N ASN B 153 -10.32 21.76 -14.13
CA ASN B 153 -11.29 21.36 -15.15
C ASN B 153 -12.56 22.18 -15.11
N VAL B 154 -13.05 22.45 -13.90
CA VAL B 154 -14.19 23.34 -13.74
C VAL B 154 -13.83 24.75 -14.25
N ALA B 155 -12.62 25.22 -13.93
CA ALA B 155 -12.18 26.55 -14.39
C ALA B 155 -12.11 26.61 -15.91
N TRP B 156 -11.59 25.54 -16.52
CA TRP B 156 -11.53 25.42 -17.99
C TRP B 156 -12.92 25.58 -18.61
N CYS B 157 -13.89 24.89 -18.03
CA CYS B 157 -15.27 24.97 -18.48
C CYS B 157 -15.83 26.38 -18.30
N ILE B 158 -15.53 27.00 -17.17
CA ILE B 158 -15.94 28.39 -16.91
C ILE B 158 -15.34 29.35 -17.94
N ASP B 159 -14.04 29.22 -18.18
CA ASP B 159 -13.34 30.10 -19.11
C ASP B 159 -13.89 29.95 -20.54
N LYS B 160 -14.20 28.71 -20.92
CA LYS B 160 -14.67 28.45 -22.28
C LYS B 160 -16.14 28.83 -22.51
N TYR B 161 -16.99 28.50 -21.54
CA TYR B 161 -18.43 28.57 -21.75
C TYR B 161 -19.17 29.56 -20.87
N GLY B 162 -18.57 29.95 -19.75
CA GLY B 162 -19.17 30.91 -18.82
C GLY B 162 -20.51 30.44 -18.33
N GLU B 163 -21.51 31.32 -18.45
CA GLU B 163 -22.86 31.07 -17.94
C GLU B 163 -23.58 29.91 -18.63
N LYS B 164 -23.19 29.61 -19.86
CA LYS B 164 -23.72 28.46 -20.62
C LYS B 164 -23.38 27.13 -19.91
N PHE B 165 -22.23 27.12 -19.24
CA PHE B 165 -21.83 26.01 -18.39
C PHE B 165 -22.40 26.13 -16.97
N THR B 166 -22.14 27.26 -16.31
CA THR B 166 -22.52 27.42 -14.90
C THR B 166 -24.03 27.35 -14.63
N SER B 167 -24.86 27.78 -15.59
CA SER B 167 -26.32 27.71 -15.42
C SER B 167 -26.86 26.28 -15.37
N LYS B 168 -26.05 25.33 -15.86
CA LYS B 168 -26.43 23.93 -15.91
C LYS B 168 -25.88 23.12 -14.72
N VAL B 169 -25.05 23.76 -13.91
CA VAL B 169 -24.51 23.13 -12.70
C VAL B 169 -25.46 23.34 -11.52
N GLU B 170 -25.89 22.22 -10.94
CA GLU B 170 -26.70 22.24 -9.73
C GLU B 170 -25.86 22.85 -8.61
N GLU B 171 -24.69 22.26 -8.38
CA GLU B 171 -23.70 22.79 -7.44
C GLU B 171 -22.38 22.06 -7.66
N CYS B 172 -21.30 22.71 -7.26
CA CYS B 172 -19.98 22.09 -7.22
C CYS B 172 -19.70 21.72 -5.79
N VAL B 173 -19.49 20.44 -5.53
CA VAL B 173 -19.11 20.00 -4.20
C VAL B 173 -17.61 19.69 -4.27
N ILE B 174 -16.80 20.52 -3.60
CA ILE B 174 -15.37 20.58 -3.84
C ILE B 174 -14.60 20.16 -2.60
N MET B 175 -13.68 19.21 -2.75
CA MET B 175 -12.70 18.96 -1.71
C MET B 175 -11.53 19.87 -1.98
N GLY B 176 -11.32 20.84 -1.11
CA GLY B 176 -10.20 21.73 -1.29
C GLY B 176 -10.14 22.83 -0.29
N GLY B 177 -8.94 23.35 -0.08
CA GLY B 177 -8.74 24.55 0.72
C GLY B 177 -8.66 24.30 2.21
N ALA B 178 -8.52 25.40 2.95
CA ALA B 178 -8.33 25.42 4.39
C ALA B 178 -8.54 26.88 4.78
N VAL B 179 -9.57 27.12 5.58
CA VAL B 179 -10.00 28.49 5.88
C VAL B 179 -9.53 28.93 7.26
N ASP B 180 -10.00 28.26 8.31
CA ASP B 180 -9.66 28.59 9.69
C ASP B 180 -8.88 27.46 10.35
N VAL B 181 -8.10 26.76 9.52
CA VAL B 181 -7.14 25.76 9.98
C VAL B 181 -5.91 25.81 9.08
N ARG B 182 -4.82 25.27 9.59
CA ARG B 182 -3.61 25.08 8.79
C ARG B 182 -3.92 24.31 7.51
N GLY B 183 -3.10 24.53 6.50
CA GLY B 183 -3.17 23.74 5.27
C GLY B 183 -2.45 22.42 5.42
N ASN B 184 -2.08 21.82 4.29
CA ASN B 184 -1.33 20.57 4.29
C ASN B 184 -0.20 20.53 3.26
N VAL B 185 0.13 21.69 2.68
CA VAL B 185 1.27 21.82 1.76
C VAL B 185 2.48 22.32 2.57
N PHE B 186 3.31 21.37 2.97
CA PHE B 186 4.49 21.68 3.79
C PHE B 186 5.75 21.43 3.00
N LEU B 187 6.26 22.50 2.41
CA LEU B 187 7.43 22.46 1.55
C LEU B 187 8.40 23.52 2.06
N PRO B 188 9.70 23.40 1.69
CA PRO B 188 10.69 24.39 2.09
C PRO B 188 10.27 25.82 1.73
N SER B 189 9.56 25.95 0.60
CA SER B 189 9.15 27.26 0.08
C SER B 189 7.78 27.75 0.55
N THR B 190 7.03 26.91 1.27
CA THR B 190 5.69 27.29 1.70
C THR B 190 5.58 27.50 3.21
N ASP B 191 4.54 28.21 3.63
CA ASP B 191 4.32 28.50 5.04
C ASP B 191 3.26 27.59 5.67
N GLY B 192 2.81 26.59 4.91
CA GLY B 192 1.87 25.60 5.43
C GLY B 192 0.41 26.02 5.49
N THR B 193 0.07 27.19 4.92
CA THR B 193 -1.31 27.67 4.96
C THR B 193 -2.20 27.12 3.82
N ALA B 194 -1.58 26.60 2.76
CA ALA B 194 -2.34 26.09 1.59
C ALA B 194 -2.69 24.62 1.71
N GLU B 195 -3.79 24.22 1.07
CA GLU B 195 -4.15 22.80 0.90
C GLU B 195 -3.76 22.37 -0.53
N TRP B 196 -3.41 21.08 -0.70
CA TRP B 196 -2.80 20.57 -1.94
C TRP B 196 -3.58 20.74 -3.24
N ASN B 197 -4.87 20.40 -3.22
CA ASN B 197 -5.70 20.50 -4.42
C ASN B 197 -5.71 21.91 -4.99
N ILE B 198 -5.77 22.92 -4.11
CA ILE B 198 -5.77 24.32 -4.54
C ILE B 198 -4.39 24.69 -5.04
N TYR B 199 -3.38 24.28 -4.27
CA TYR B 199 -1.98 24.57 -4.55
C TYR B 199 -1.51 24.02 -5.90
N TRP B 200 -2.04 22.86 -6.33
CA TRP B 200 -1.69 22.29 -7.64
C TRP B 200 -1.94 23.26 -8.79
N ASP B 201 -3.01 24.06 -8.65
CA ASP B 201 -3.42 25.03 -9.67
C ASP B 201 -4.21 26.17 -9.01
N PRO B 202 -3.51 27.11 -8.36
CA PRO B 202 -4.15 28.25 -7.70
C PRO B 202 -5.02 29.08 -8.63
N ALA B 203 -4.55 29.36 -9.84
CA ALA B 203 -5.28 30.26 -10.75
C ALA B 203 -6.66 29.71 -11.15
N SER B 204 -6.71 28.40 -11.42
CA SER B 204 -7.98 27.74 -11.71
C SER B 204 -8.92 27.79 -10.51
N ALA B 205 -8.37 27.53 -9.32
CA ALA B 205 -9.15 27.65 -8.10
C ALA B 205 -9.72 29.06 -7.93
N LYS B 206 -8.93 30.07 -8.26
CA LYS B 206 -9.39 31.45 -8.14
C LYS B 206 -10.58 31.72 -9.06
N THR B 207 -10.52 31.21 -10.29
CA THR B 207 -11.62 31.32 -11.24
C THR B 207 -12.90 30.69 -10.67
N VAL B 208 -12.77 29.50 -10.12
CA VAL B 208 -13.93 28.80 -9.60
C VAL B 208 -14.52 29.53 -8.39
N PHE B 209 -13.70 29.83 -7.39
CA PHE B 209 -14.22 30.43 -6.16
C PHE B 209 -14.77 31.84 -6.35
N GLY B 210 -14.29 32.54 -7.38
CA GLY B 210 -14.77 33.90 -7.66
C GLY B 210 -15.86 33.97 -8.73
N CYS B 211 -16.36 32.83 -9.16
CA CYS B 211 -17.38 32.77 -10.21
C CYS B 211 -18.79 33.10 -9.67
N PRO B 212 -19.41 34.18 -10.21
CA PRO B 212 -20.68 34.73 -9.70
C PRO B 212 -21.92 33.87 -9.90
N GLY B 213 -21.93 33.02 -10.92
CA GLY B 213 -23.13 32.23 -11.21
C GLY B 213 -23.02 30.77 -10.87
N LEU B 214 -22.07 30.41 -9.99
CA LEU B 214 -21.83 29.01 -9.62
C LEU B 214 -22.06 28.77 -8.14
N ARG B 215 -22.90 27.78 -7.81
CA ARG B 215 -23.06 27.38 -6.42
C ARG B 215 -21.96 26.41 -6.02
N ARG B 216 -21.30 26.69 -4.89
CA ARG B 216 -20.15 25.92 -4.44
C ARG B 216 -20.36 25.45 -3.01
N ILE B 217 -20.13 24.16 -2.79
CA ILE B 217 -20.02 23.61 -1.44
C ILE B 217 -18.57 23.18 -1.29
N MET B 218 -17.94 23.61 -0.20
CA MET B 218 -16.50 23.42 -0.02
C MET B 218 -16.21 22.58 1.21
N PHE B 219 -15.64 21.40 0.99
CA PHE B 219 -15.08 20.60 2.06
C PHE B 219 -13.60 20.92 2.16
N SER B 220 -13.30 21.89 3.03
CA SER B 220 -11.94 22.29 3.31
C SER B 220 -11.43 21.45 4.47
N LEU B 221 -10.14 21.60 4.77
CA LEU B 221 -9.53 20.84 5.87
C LEU B 221 -10.22 21.14 7.21
N ASP B 222 -10.93 22.27 7.29
CA ASP B 222 -11.70 22.64 8.49
C ASP B 222 -12.66 21.52 8.91
N SER B 223 -13.30 20.87 7.94
CA SER B 223 -14.20 19.73 8.22
C SER B 223 -13.51 18.37 8.09
N THR B 224 -12.66 18.21 7.07
CA THR B 224 -12.07 16.90 6.81
C THR B 224 -11.07 16.46 7.88
N ASN B 225 -10.51 17.40 8.63
CA ASN B 225 -9.62 17.09 9.75
C ASN B 225 -10.29 16.25 10.82
N THR B 226 -11.62 16.28 10.83
CA THR B 226 -12.40 15.54 11.83
C THR B 226 -12.53 14.04 11.49
N VAL B 227 -12.21 13.65 10.25
CA VAL B 227 -12.30 12.24 9.87
C VAL B 227 -10.97 11.64 9.36
N PRO B 228 -9.99 11.43 10.28
CA PRO B 228 -8.76 10.74 9.87
C PRO B 228 -9.08 9.26 9.56
N VAL B 229 -8.23 8.64 8.73
CA VAL B 229 -8.41 7.21 8.43
C VAL B 229 -7.69 6.44 9.54
N ARG B 230 -8.44 5.64 10.28
CA ARG B 230 -7.95 4.98 11.49
C ARG B 230 -8.18 3.48 11.46
N SER B 231 -7.22 2.73 11.99
CA SER B 231 -7.22 1.26 11.97
C SER B 231 -8.51 0.55 12.43
N PRO B 232 -9.07 0.92 13.61
CA PRO B 232 -10.24 0.12 14.05
C PRO B 232 -11.42 0.19 13.08
N TYR B 233 -11.67 1.36 12.49
CA TYR B 233 -12.70 1.50 11.45
C TYR B 233 -12.37 0.71 10.19
N VAL B 234 -11.13 0.86 9.71
CA VAL B 234 -10.72 0.17 8.49
C VAL B 234 -10.87 -1.34 8.64
N GLN B 235 -10.50 -1.86 9.81
CA GLN B 235 -10.61 -3.29 10.07
C GLN B 235 -12.04 -3.82 10.03
N ARG B 236 -13.03 -2.93 10.14
CA ARG B 236 -14.43 -3.32 10.01
C ARG B 236 -14.82 -3.87 8.63
N PHE B 237 -14.13 -3.42 7.59
CA PHE B 237 -14.35 -3.95 6.27
C PHE B 237 -14.00 -5.43 6.21
N GLY B 238 -13.16 -5.88 7.15
CA GLY B 238 -12.84 -7.29 7.32
C GLY B 238 -14.05 -8.13 7.70
N GLU B 239 -15.06 -7.49 8.28
CA GLU B 239 -16.32 -8.16 8.62
C GLU B 239 -17.17 -8.39 7.38
N GLN B 240 -16.74 -7.83 6.24
CA GLN B 240 -17.58 -7.76 5.05
C GLN B 240 -16.89 -8.29 3.78
N THR B 241 -16.02 -9.30 3.92
CA THR B 241 -15.21 -9.77 2.78
C THR B 241 -16.01 -10.51 1.70
N ASN B 242 -17.26 -10.87 1.99
CA ASN B 242 -18.14 -11.42 0.96
C ASN B 242 -18.55 -10.36 -0.05
N PHE B 243 -18.25 -9.10 0.26
CA PHE B 243 -18.62 -8.00 -0.62
C PHE B 243 -17.38 -7.46 -1.32
N LEU B 244 -17.42 -7.45 -2.64
CA LEU B 244 -16.30 -6.96 -3.46
C LEU B 244 -15.92 -5.53 -3.11
N LEU B 245 -16.93 -4.69 -2.89
CA LEU B 245 -16.67 -3.27 -2.58
C LEU B 245 -16.00 -3.08 -1.22
N SER B 246 -16.19 -4.03 -0.30
CA SER B 246 -15.53 -3.98 1.00
C SER B 246 -14.08 -4.42 0.93
N ILE B 247 -13.79 -5.41 0.08
CA ILE B 247 -12.41 -5.75 -0.21
C ILE B 247 -11.76 -4.54 -0.86
N LEU B 248 -12.46 -3.92 -1.81
CA LEU B 248 -11.93 -2.75 -2.51
C LEU B 248 -11.68 -1.56 -1.58
N VAL B 249 -12.72 -1.09 -0.88
CA VAL B 249 -12.57 0.09 -0.03
C VAL B 249 -11.64 -0.20 1.16
N GLY B 250 -11.79 -1.36 1.78
CA GLY B 250 -10.94 -1.73 2.91
C GLY B 250 -9.47 -1.77 2.53
N THR B 251 -9.19 -2.30 1.33
CA THR B 251 -7.81 -2.38 0.86
C THR B 251 -7.21 -1.00 0.68
N MET B 252 -7.95 -0.11 0.03
CA MET B 252 -7.49 1.27 -0.17
C MET B 252 -7.26 2.00 1.15
N TRP B 253 -8.22 1.93 2.07
CA TRP B 253 -8.06 2.53 3.40
C TRP B 253 -6.91 1.94 4.23
N ALA B 254 -6.68 0.64 4.09
CA ALA B 254 -5.59 -0.03 4.84
C ALA B 254 -4.24 0.55 4.49
N MET B 255 -4.12 1.03 3.26
CA MET B 255 -2.89 1.71 2.83
C MET B 255 -2.77 3.16 3.33
N CYS B 256 -3.78 3.61 4.07
CA CYS B 256 -3.89 5.01 4.54
C CYS B 256 -3.89 5.19 6.06
N THR B 257 -3.80 4.09 6.80
CA THR B 257 -3.87 4.16 8.26
C THR B 257 -2.56 4.65 8.85
N HIS B 258 -2.63 5.16 10.08
CA HIS B 258 -1.48 5.82 10.69
C HIS B 258 -0.44 4.82 11.17
N CYS B 259 0.67 4.76 10.45
CA CYS B 259 1.80 3.94 10.86
C CYS B 259 2.46 4.57 12.08
N GLU B 260 2.54 3.78 13.15
CA GLU B 260 3.04 4.22 14.47
C GLU B 260 4.43 4.85 14.43
N LEU B 261 5.20 4.53 13.40
CA LEU B 261 6.57 5.02 13.24
C LEU B 261 6.66 6.46 12.75
N LEU B 262 5.60 6.91 12.08
CA LEU B 262 5.55 8.28 11.54
C LEU B 262 5.02 9.23 12.60
N ARG B 263 5.52 10.48 12.57
CA ARG B 263 5.19 11.46 13.60
C ARG B 263 5.04 12.87 13.02
N ASP B 266 2.43 13.49 5.27
CA ASP B 266 1.42 13.93 6.23
C ASP B 266 0.27 12.93 6.29
N GLY B 267 -0.50 13.01 7.38
CA GLY B 267 -1.57 12.05 7.71
C GLY B 267 -2.69 11.96 6.67
N TYR B 268 -3.39 10.83 6.65
CA TYR B 268 -4.44 10.60 5.65
C TYR B 268 -5.82 10.74 6.27
N TYR B 269 -6.71 11.46 5.56
CA TYR B 269 -8.08 11.66 6.00
C TYR B 269 -9.05 11.20 4.91
N ALA B 270 -10.32 11.12 5.27
CA ALA B 270 -11.34 10.76 4.31
C ALA B 270 -11.75 12.01 3.55
N TRP B 271 -10.78 12.76 3.04
CA TRP B 271 -11.06 14.05 2.42
C TRP B 271 -12.14 13.95 1.35
N ASP B 272 -11.84 13.21 0.29
CA ASP B 272 -12.71 13.09 -0.89
C ASP B 272 -13.95 12.26 -0.63
N ALA B 273 -13.83 11.29 0.26
CA ALA B 273 -14.93 10.40 0.60
C ALA B 273 -16.03 11.17 1.34
N LEU B 274 -15.64 12.10 2.22
CA LEU B 274 -16.60 12.93 2.94
C LEU B 274 -17.34 13.86 1.97
N THR B 275 -16.59 14.42 1.02
CA THR B 275 -17.11 15.29 -0.03
C THR B 275 -18.17 14.56 -0.87
N ALA B 276 -17.86 13.33 -1.28
CA ALA B 276 -18.79 12.51 -2.04
C ALA B 276 -19.99 12.12 -1.18
N ALA B 277 -19.75 11.83 0.09
CA ALA B 277 -20.82 11.42 0.99
C ALA B 277 -21.88 12.52 1.09
N TYR B 278 -21.42 13.78 1.10
CA TYR B 278 -22.31 14.94 1.09
C TYR B 278 -23.19 14.99 -0.15
N VAL B 279 -22.62 14.67 -1.31
CA VAL B 279 -23.37 14.54 -2.56
C VAL B 279 -24.48 13.50 -2.41
N VAL B 280 -24.17 12.38 -1.75
CA VAL B 280 -25.14 11.31 -1.53
C VAL B 280 -26.26 11.79 -0.59
N ASP B 281 -25.86 12.43 0.50
CA ASP B 281 -26.80 12.93 1.49
C ASP B 281 -26.26 14.18 2.21
N GLN B 282 -26.95 15.31 2.07
CA GLN B 282 -26.45 16.56 2.66
C GLN B 282 -26.50 16.61 4.19
N LYS B 283 -27.08 15.59 4.84
CA LYS B 283 -27.07 15.51 6.31
C LYS B 283 -25.65 15.33 6.83
N VAL B 284 -24.72 15.08 5.91
CA VAL B 284 -23.32 14.83 6.26
C VAL B 284 -22.68 16.04 6.95
N ALA B 285 -23.03 17.24 6.50
CA ALA B 285 -22.49 18.46 7.11
C ALA B 285 -23.40 19.65 6.93
N ASN B 286 -23.32 20.58 7.87
CA ASN B 286 -23.91 21.90 7.72
C ASN B 286 -22.92 22.75 6.94
N VAL B 287 -23.36 23.91 6.45
CA VAL B 287 -22.50 24.79 5.68
C VAL B 287 -22.57 26.23 6.15
N ASP B 288 -21.44 26.94 6.08
CA ASP B 288 -21.39 28.37 6.38
C ASP B 288 -21.02 29.16 5.12
N PRO B 289 -21.79 30.22 4.79
CA PRO B 289 -21.49 31.12 3.67
C PRO B 289 -20.22 31.94 3.94
N VAL B 290 -19.23 31.82 3.06
CA VAL B 290 -17.95 32.54 3.18
C VAL B 290 -17.47 32.98 1.79
N PRO B 291 -17.05 34.25 1.66
CA PRO B 291 -16.43 34.65 0.39
C PRO B 291 -14.99 34.18 0.35
N ILE B 292 -14.67 33.29 -0.60
CA ILE B 292 -13.36 32.64 -0.68
C ILE B 292 -12.56 33.14 -1.87
N ASP B 293 -11.41 33.74 -1.60
CA ASP B 293 -10.47 34.09 -2.65
C ASP B 293 -9.25 33.17 -2.51
N VAL B 294 -8.39 33.20 -3.52
CA VAL B 294 -7.25 32.30 -3.57
C VAL B 294 -5.99 33.09 -3.87
N VAL B 295 -4.94 32.87 -3.07
CA VAL B 295 -3.62 33.44 -3.36
C VAL B 295 -2.97 32.73 -4.54
N VAL B 296 -2.69 33.49 -5.60
CA VAL B 296 -2.11 32.92 -6.81
C VAL B 296 -0.65 33.31 -7.00
N ASP B 297 -0.18 34.28 -6.21
CA ASP B 297 1.19 34.75 -6.33
C ASP B 297 2.19 33.76 -5.74
N LYS B 298 3.41 33.77 -6.30
CA LYS B 298 4.48 32.88 -5.86
C LYS B 298 5.07 33.36 -4.53
N GLN B 299 4.22 33.36 -3.50
CA GLN B 299 4.61 33.70 -2.14
C GLN B 299 4.54 32.41 -1.30
N PRO B 300 5.11 32.42 -0.08
CA PRO B 300 5.01 31.22 0.76
C PRO B 300 3.58 30.69 0.92
N ASN B 301 2.59 31.60 0.87
CA ASN B 301 1.19 31.23 1.02
C ASN B 301 0.45 31.02 -0.32
N GLU B 302 1.22 30.78 -1.38
CA GLU B 302 0.65 30.41 -2.69
C GLU B 302 -0.33 29.25 -2.51
N GLY B 303 -1.53 29.40 -3.09
CA GLY B 303 -2.56 28.37 -2.97
C GLY B 303 -3.48 28.51 -1.78
N ALA B 304 -3.19 29.43 -0.87
CA ALA B 304 -4.07 29.63 0.28
C ALA B 304 -5.47 30.08 -0.14
N THR B 305 -6.48 29.50 0.51
CA THR B 305 -7.85 29.97 0.41
C THR B 305 -8.11 30.92 1.57
N VAL B 306 -8.42 32.16 1.24
CA VAL B 306 -8.60 33.21 2.26
C VAL B 306 -9.96 33.89 2.15
N ARG B 307 -10.47 34.30 3.31
CA ARG B 307 -11.69 35.07 3.39
C ARG B 307 -11.42 36.45 2.77
N THR B 308 -12.39 36.97 2.02
CA THR B 308 -12.26 38.30 1.43
C THR B 308 -13.50 39.13 1.73
N ASP B 309 -13.30 40.41 2.08
CA ASP B 309 -14.43 41.29 2.33
C ASP B 309 -14.70 42.23 1.17
N ALA B 310 -14.18 41.91 -0.01
CA ALA B 310 -14.44 42.71 -1.21
C ALA B 310 -15.93 42.72 -1.51
N GLU B 311 -16.43 43.90 -1.88
CA GLU B 311 -17.85 44.09 -2.16
C GLU B 311 -18.33 43.21 -3.31
N ASN B 312 -19.52 42.61 -3.13
CA ASN B 312 -20.16 41.78 -4.15
C ASN B 312 -19.45 40.47 -4.46
N TYR B 313 -18.54 40.07 -3.58
CA TYR B 313 -17.81 38.82 -3.80
C TYR B 313 -18.73 37.63 -3.57
N PRO B 314 -18.74 36.67 -4.51
CA PRO B 314 -19.62 35.50 -4.42
C PRO B 314 -19.35 34.62 -3.20
N LEU B 315 -20.41 34.06 -2.63
CA LEU B 315 -20.30 33.21 -1.46
C LEU B 315 -20.03 31.75 -1.83
N THR B 316 -19.32 31.06 -0.94
CA THR B 316 -19.08 29.63 -1.02
C THR B 316 -19.59 29.03 0.29
N PHE B 317 -20.25 27.88 0.21
CA PHE B 317 -20.79 27.26 1.41
C PHE B 317 -19.81 26.24 1.98
N VAL B 318 -19.12 26.65 3.04
CA VAL B 318 -18.02 25.86 3.61
C VAL B 318 -18.59 24.91 4.66
N ALA B 319 -18.30 23.62 4.50
CA ALA B 319 -18.76 22.59 5.43
C ALA B 319 -18.19 22.80 6.82
N ARG B 320 -19.01 22.48 7.82
CA ARG B 320 -18.59 22.52 9.21
C ARG B 320 -19.26 21.40 10.00
N ASN B 321 -18.59 20.98 11.07
CA ASN B 321 -19.09 19.96 11.99
C ASN B 321 -19.74 18.76 11.28
N PRO B 322 -18.93 18.00 10.53
CA PRO B 322 -19.49 16.91 9.75
C PRO B 322 -20.01 15.79 10.66
N GLU B 323 -21.05 15.10 10.22
CA GLU B 323 -21.59 13.97 10.95
C GLU B 323 -20.72 12.76 10.67
N ALA B 324 -19.65 12.63 11.46
CA ALA B 324 -18.62 11.61 11.23
C ALA B 324 -19.15 10.18 11.30
N GLU B 325 -19.90 9.86 12.35
CA GLU B 325 -20.46 8.52 12.51
C GLU B 325 -21.44 8.21 11.39
N PHE B 326 -22.25 9.19 11.01
CA PHE B 326 -23.21 9.04 9.93
C PHE B 326 -22.47 8.72 8.64
N PHE B 327 -21.41 9.48 8.38
CA PHE B 327 -20.56 9.25 7.19
C PHE B 327 -19.91 7.86 7.22
N LEU B 328 -19.30 7.51 8.35
CA LEU B 328 -18.61 6.23 8.48
C LEU B 328 -19.55 5.03 8.31
N ASP B 329 -20.77 5.17 8.84
CA ASP B 329 -21.81 4.17 8.65
C ASP B 329 -22.25 4.10 7.18
N MET B 330 -22.40 5.27 6.54
CA MET B 330 -22.78 5.33 5.14
C MET B 330 -21.78 4.56 4.24
N LEU B 331 -20.49 4.77 4.49
CA LEU B 331 -19.45 4.14 3.68
C LEU B 331 -19.46 2.62 3.86
N LEU B 332 -19.57 2.18 5.12
CA LEU B 332 -19.61 0.76 5.43
C LEU B 332 -20.81 0.07 4.78
N ARG B 333 -21.98 0.72 4.80
CA ARG B 333 -23.19 0.18 4.16
C ARG B 333 -23.10 0.23 2.65
N SER B 334 -22.59 1.33 2.10
CA SER B 334 -22.40 1.44 0.66
C SER B 334 -21.48 0.35 0.11
N ALA B 335 -20.47 0.00 0.89
CA ALA B 335 -19.53 -1.06 0.52
C ALA B 335 -20.12 -2.45 0.60
N ARG B 336 -21.41 -2.55 0.93
CA ARG B 336 -22.14 -3.83 0.82
C ARG B 336 -23.08 -3.90 -0.41
N ALA B 337 -22.97 -2.91 -1.31
CA ALA B 337 -23.79 -2.90 -2.54
C ALA B 337 -23.50 -4.10 -3.44
N CYS B 338 -22.26 -4.56 -3.41
CA CYS B 338 -21.85 -5.80 -4.08
C CYS B 338 -20.47 -6.20 -3.60
CA CA C . 12.89 -9.10 4.92
C9 IMQ D . 13.59 -2.74 1.04
N1 IMQ D . 12.57 -2.82 1.92
C10 IMQ D . 11.42 -2.19 1.72
C2 IMQ D . 11.20 -1.40 0.60
C3 IMQ D . 12.24 -1.28 -0.34
C4 IMQ D . 13.43 -1.96 -0.13
C5 IMQ D . 14.47 -1.85 -1.06
C6 IMQ D . 15.66 -2.53 -0.82
C7 IMQ D . 15.82 -3.31 0.33
C8 IMQ D . 14.79 -3.45 1.27
C1 IMQ D . 15.13 -4.34 2.51
N4' IMQ D . 14.61 -5.76 2.48
C1' IMQ D . 13.34 -5.94 1.78
C2' IMQ D . 13.15 -7.45 1.81
O2' IMQ D . 12.30 -7.82 2.92
C3' IMQ D . 14.56 -8.06 1.98
O3' IMQ D . 14.58 -8.95 3.13
C4' IMQ D . 15.53 -6.88 2.17
C5' IMQ D . 16.34 -6.68 0.87
O5' IMQ D . 17.52 -5.93 1.11
C1 GOL E . 13.79 -19.91 -16.78
O1 GOL E . 12.76 -19.70 -15.85
C2 GOL E . 14.78 -18.81 -16.54
O2 GOL E . 14.08 -17.59 -16.61
C3 GOL E . 15.28 -19.00 -15.12
O3 GOL E . 15.65 -17.77 -14.55
CA CA F . -8.05 13.69 -4.65
C9 IMQ G . -2.24 13.51 -0.04
N1 IMQ G . -2.31 12.62 -1.07
C10 IMQ G . -1.78 11.41 -1.01
C2 IMQ G . -1.11 10.99 0.13
C3 IMQ G . -1.00 11.86 1.21
C4 IMQ G . -1.57 13.13 1.12
C5 IMQ G . -1.48 14.02 2.20
C6 IMQ G . -2.05 15.29 2.10
C7 IMQ G . -2.71 15.66 0.93
C8 IMQ G . -2.83 14.78 -0.14
C1 IMQ G . -3.57 15.29 -1.39
N4' IMQ G . -5.00 14.84 -1.52
C1' IMQ G . -5.32 13.50 -1.04
C2' IMQ G . -6.82 13.42 -1.35
O2' IMQ G . -6.99 12.76 -2.62
C3' IMQ G . -7.35 14.87 -1.34
O3' IMQ G . -8.15 15.15 -2.49
C4' IMQ G . -6.11 15.79 -1.27
C5' IMQ G . -6.06 16.45 0.11
O5' IMQ G . -5.14 17.56 0.10
#